data_7Z7M
# 
_entry.id   7Z7M 
# 
_audit_conform.dict_name       mmcif_pdbx.dic 
_audit_conform.dict_version    5.385 
_audit_conform.dict_location   http://mmcif.pdb.org/dictionaries/ascii/mmcif_pdbx.dic 
# 
loop_
_database_2.database_id 
_database_2.database_code 
_database_2.pdbx_database_accession 
_database_2.pdbx_DOI 
PDB   7Z7M         pdb_00007z7m 10.2210/pdb7z7m/pdb 
WWPDB D_1292120573 ?            ?                   
# 
loop_
_pdbx_audit_revision_history.ordinal 
_pdbx_audit_revision_history.data_content_type 
_pdbx_audit_revision_history.major_revision 
_pdbx_audit_revision_history.minor_revision 
_pdbx_audit_revision_history.revision_date 
1 'Structure model' 1 0 2023-03-29 
2 'Structure model' 1 1 2023-10-11 
3 'Structure model' 1 2 2024-02-07 
# 
_pdbx_audit_revision_details.ordinal             1 
_pdbx_audit_revision_details.revision_ordinal    1 
_pdbx_audit_revision_details.data_content_type   'Structure model' 
_pdbx_audit_revision_details.provider            repository 
_pdbx_audit_revision_details.type                'Initial release' 
_pdbx_audit_revision_details.description         ? 
_pdbx_audit_revision_details.details             ? 
# 
loop_
_pdbx_audit_revision_group.ordinal 
_pdbx_audit_revision_group.revision_ordinal 
_pdbx_audit_revision_group.data_content_type 
_pdbx_audit_revision_group.group 
1 2 'Structure model' 'Data collection'        
2 2 'Structure model' 'Database references'    
3 3 'Structure model' 'Refinement description' 
# 
loop_
_pdbx_audit_revision_category.ordinal 
_pdbx_audit_revision_category.revision_ordinal 
_pdbx_audit_revision_category.data_content_type 
_pdbx_audit_revision_category.category 
1 2 'Structure model' chem_comp_atom                
2 2 'Structure model' chem_comp_bond                
3 2 'Structure model' citation                      
4 2 'Structure model' citation_author               
5 3 'Structure model' pdbx_initial_refinement_model 
# 
loop_
_pdbx_audit_revision_item.ordinal 
_pdbx_audit_revision_item.revision_ordinal 
_pdbx_audit_revision_item.data_content_type 
_pdbx_audit_revision_item.item 
1  2 'Structure model' '_citation.journal_abbrev'          
2  2 'Structure model' '_citation.journal_id_CSD'          
3  2 'Structure model' '_citation.journal_id_ISSN'         
4  2 'Structure model' '_citation.journal_volume'          
5  2 'Structure model' '_citation.page_first'              
6  2 'Structure model' '_citation.page_last'               
7  2 'Structure model' '_citation.pdbx_database_id_DOI'    
8  2 'Structure model' '_citation.pdbx_database_id_PubMed' 
9  2 'Structure model' '_citation.title'                   
10 2 'Structure model' '_citation.year'                    
# 
_pdbx_database_status.status_code                     REL 
_pdbx_database_status.status_code_sf                  REL 
_pdbx_database_status.status_code_mr                  ? 
_pdbx_database_status.entry_id                        7Z7M 
_pdbx_database_status.recvd_initial_deposition_date   2022-03-16 
_pdbx_database_status.SG_entry                        N 
_pdbx_database_status.deposit_site                    PDBE 
_pdbx_database_status.process_site                    PDBE 
_pdbx_database_status.status_code_cs                  ? 
_pdbx_database_status.status_code_nmr_data            ? 
_pdbx_database_status.methods_development_category    ? 
_pdbx_database_status.pdb_format_compatible           Y 
# 
_pdbx_contact_author.id                 2 
_pdbx_contact_author.email              bohdan@ibt.cas.cz 
_pdbx_contact_author.name_first         Bohdan 
_pdbx_contact_author.name_last          Schneider 
_pdbx_contact_author.name_mi            ? 
_pdbx_contact_author.role               'principal investigator/group leader' 
_pdbx_contact_author.identifier_ORCID   0000-0001-7855-3690 
# 
loop_
_audit_author.name 
_audit_author.pdbx_ordinal 
_audit_author.identifier_ORCID 
'Svoboda, J.'   1 0000-0003-3056-2357 
'Schneider, B.' 2 0000-0001-7855-3690 
'Berdar, D.'    3 ?                   
'Kolenko, P.'   4 0000-0002-4619-9276 
# 
_citation.abstract                  ? 
_citation.abstract_id_CAS           ? 
_citation.book_id_ISBN              ? 
_citation.book_publisher            ? 
_citation.book_publisher_city       ? 
_citation.book_title                ? 
_citation.coordinate_linkage        ? 
_citation.country                   ? 
_citation.database_id_Medline       ? 
_citation.details                   ? 
_citation.id                        primary 
_citation.journal_abbrev            'Acta Crystallogr D Struct Biol' 
_citation.journal_id_ASTM           ? 
_citation.journal_id_CSD            ? 
_citation.journal_id_ISSN           2059-7983 
_citation.journal_full              ? 
_citation.journal_issue             ? 
_citation.journal_volume            79 
_citation.language                  ? 
_citation.page_first                655 
_citation.page_last                 665 
_citation.title                     'Conformation-based refinement of 18-mer DNA structures.' 
_citation.year                      2023 
_citation.database_id_CSD           ? 
_citation.pdbx_database_id_DOI      10.1107/S2059798323004679 
_citation.pdbx_database_id_PubMed   37338420 
_citation.pdbx_database_id_patent   ? 
_citation.unpublished_flag          ? 
# 
loop_
_citation_author.citation_id 
_citation_author.name 
_citation_author.ordinal 
_citation_author.identifier_ORCID 
primary 'Svoboda, J.'   1 0000-0003-3056-2357 
primary 'Berdar, D.'    2 ?                   
primary 'Kolenko, P.'   3 0000-0002-4619-9276 
primary 'Cerny, J.'     4 0000-0002-1969-9304 
primary 'Novakova, Z.'  5 0000-0001-9804-6346 
primary 'Pavlicek, J.'  6 ?                   
primary 'Schneider, B.' 7 0000-0001-7855-3690 
# 
loop_
_entity.id 
_entity.type 
_entity.src_method 
_entity.pdbx_description 
_entity.formula_weight 
_entity.pdbx_number_of_molecules 
_entity.pdbx_ec 
_entity.pdbx_mutation 
_entity.pdbx_fragment 
_entity.details 
1 polymer     syn 'Chom18-CC DNA' 5479.518 1 ? ? ? ? 
2 non-polymer syn 'STRONTIUM ION' 87.620   1 ? ? ? ? 
# 
_entity_poly.entity_id                      1 
_entity_poly.type                           polydeoxyribonucleotide 
_entity_poly.nstd_linkage                   no 
_entity_poly.nstd_monomer                   no 
_entity_poly.pdbx_seq_one_letter_code       '(DG)(DG)(DT)(DG)(DG)(DG)(DG)(DC)(DC)(DC)(DG)(DC)(DC)(DC)(DC)(DA)(DC)(DC)' 
_entity_poly.pdbx_seq_one_letter_code_can   GGTGGGGCCCGCCCCACC 
_entity_poly.pdbx_strand_id                 A 
_entity_poly.pdbx_target_identifier         ? 
# 
_pdbx_entity_nonpoly.entity_id   2 
_pdbx_entity_nonpoly.name        'STRONTIUM ION' 
_pdbx_entity_nonpoly.comp_id     SR 
# 
loop_
_entity_poly_seq.entity_id 
_entity_poly_seq.num 
_entity_poly_seq.mon_id 
_entity_poly_seq.hetero 
1 1  DG n 
1 2  DG n 
1 3  DT n 
1 4  DG n 
1 5  DG n 
1 6  DG n 
1 7  DG n 
1 8  DC n 
1 9  DC n 
1 10 DC n 
1 11 DG n 
1 12 DC n 
1 13 DC n 
1 14 DC n 
1 15 DC n 
1 16 DA n 
1 17 DC n 
1 18 DC n 
# 
_pdbx_entity_src_syn.entity_id              1 
_pdbx_entity_src_syn.pdbx_src_id            1 
_pdbx_entity_src_syn.pdbx_alt_source_flag   sample 
_pdbx_entity_src_syn.pdbx_beg_seq_num       1 
_pdbx_entity_src_syn.pdbx_end_seq_num       18 
_pdbx_entity_src_syn.organism_scientific    'Cardiobacterium hominis' 
_pdbx_entity_src_syn.organism_common_name   ? 
_pdbx_entity_src_syn.ncbi_taxonomy_id       2718 
_pdbx_entity_src_syn.details                ? 
# 
loop_
_chem_comp.id 
_chem_comp.type 
_chem_comp.mon_nstd_flag 
_chem_comp.name 
_chem_comp.pdbx_synonyms 
_chem_comp.formula 
_chem_comp.formula_weight 
DA 'DNA linking' y "2'-DEOXYADENOSINE-5'-MONOPHOSPHATE" ? 'C10 H14 N5 O6 P' 331.222 
DC 'DNA linking' y "2'-DEOXYCYTIDINE-5'-MONOPHOSPHATE"  ? 'C9 H14 N3 O7 P'  307.197 
DG 'DNA linking' y "2'-DEOXYGUANOSINE-5'-MONOPHOSPHATE" ? 'C10 H14 N5 O7 P' 347.221 
DT 'DNA linking' y "THYMIDINE-5'-MONOPHOSPHATE"         ? 'C10 H15 N2 O8 P' 322.208 
SR non-polymer   . 'STRONTIUM ION'                      ? 'Sr 2'            87.620  
# 
loop_
_pdbx_poly_seq_scheme.asym_id 
_pdbx_poly_seq_scheme.entity_id 
_pdbx_poly_seq_scheme.seq_id 
_pdbx_poly_seq_scheme.mon_id 
_pdbx_poly_seq_scheme.ndb_seq_num 
_pdbx_poly_seq_scheme.pdb_seq_num 
_pdbx_poly_seq_scheme.auth_seq_num 
_pdbx_poly_seq_scheme.pdb_mon_id 
_pdbx_poly_seq_scheme.auth_mon_id 
_pdbx_poly_seq_scheme.pdb_strand_id 
_pdbx_poly_seq_scheme.pdb_ins_code 
_pdbx_poly_seq_scheme.hetero 
A 1 1  DG 1  1  1  DG DG A . n 
A 1 2  DG 2  2  2  DG DG A . n 
A 1 3  DT 3  3  3  DT DT A . n 
A 1 4  DG 4  4  4  DG DG A . n 
A 1 5  DG 5  5  5  DG DG A . n 
A 1 6  DG 6  6  6  DG DG A . n 
A 1 7  DG 7  7  7  DG DG A . n 
A 1 8  DC 8  8  8  DC DC A . n 
A 1 9  DC 9  9  9  DC DC A . n 
A 1 10 DC 10 10 10 DC DC A . n 
A 1 11 DG 11 11 11 DG DG A . n 
A 1 12 DC 12 12 12 DC DC A . n 
A 1 13 DC 13 13 13 DC DC A . n 
A 1 14 DC 14 14 14 DC DC A . n 
A 1 15 DC 15 15 15 DC DC A . n 
A 1 16 DA 16 16 16 DA DA A . n 
A 1 17 DC 17 17 17 DC DC A . n 
A 1 18 DC 18 18 18 DC DC A . n 
# 
_pdbx_nonpoly_scheme.asym_id         B 
_pdbx_nonpoly_scheme.entity_id       2 
_pdbx_nonpoly_scheme.mon_id          SR 
_pdbx_nonpoly_scheme.ndb_seq_num     1 
_pdbx_nonpoly_scheme.pdb_seq_num     101 
_pdbx_nonpoly_scheme.auth_seq_num    1 
_pdbx_nonpoly_scheme.pdb_mon_id      SR 
_pdbx_nonpoly_scheme.auth_mon_id     SR 
_pdbx_nonpoly_scheme.pdb_strand_id   A 
_pdbx_nonpoly_scheme.pdb_ins_code    . 
# 
loop_
_software.citation_id 
_software.classification 
_software.compiler_name 
_software.compiler_version 
_software.contact_author 
_software.contact_author_email 
_software.date 
_software.description 
_software.dependencies 
_software.hardware 
_software.language 
_software.location 
_software.mods 
_software.name 
_software.os 
_software.os_version 
_software.type 
_software.version 
_software.pdbx_ordinal 
? refinement       ? ? ? ? ? ? ? ? ? ? ? PHENIX  ? ? ? 1.19.2_4158 1 
? 'data reduction' ? ? ? ? ? ? ? ? ? ? ? XDS     ? ? ? .           2 
? 'data scaling'   ? ? ? ? ? ? ? ? ? ? ? Aimless ? ? ? .           3 
? phasing          ? ? ? ? ? ? ? ? ? ? ? PHASER  ? ? ? .           4 
# 
_cell.angle_alpha                  90.000 
_cell.angle_alpha_esd              ? 
_cell.angle_beta                   90.000 
_cell.angle_beta_esd               ? 
_cell.angle_gamma                  90.000 
_cell.angle_gamma_esd              ? 
_cell.entry_id                     7Z7M 
_cell.details                      ? 
_cell.formula_units_Z              ? 
_cell.length_a                     38.090 
_cell.length_a_esd                 ? 
_cell.length_b                     38.090 
_cell.length_b_esd                 ? 
_cell.length_c                     87.420 
_cell.length_c_esd                 ? 
_cell.volume                       126833.141 
_cell.volume_esd                   ? 
_cell.Z_PDB                        8 
_cell.reciprocal_angle_alpha       ? 
_cell.reciprocal_angle_beta        ? 
_cell.reciprocal_angle_gamma       ? 
_cell.reciprocal_angle_alpha_esd   ? 
_cell.reciprocal_angle_beta_esd    ? 
_cell.reciprocal_angle_gamma_esd   ? 
_cell.reciprocal_length_a          ? 
_cell.reciprocal_length_b          ? 
_cell.reciprocal_length_c          ? 
_cell.reciprocal_length_a_esd      ? 
_cell.reciprocal_length_b_esd      ? 
_cell.reciprocal_length_c_esd      ? 
_cell.pdbx_unique_axis             ? 
# 
_symmetry.entry_id                         7Z7M 
_symmetry.cell_setting                     ? 
_symmetry.Int_Tables_number                96 
_symmetry.space_group_name_Hall            'P 4nw 2abw' 
_symmetry.space_group_name_H-M             'P 43 21 2' 
_symmetry.pdbx_full_space_group_name_H-M   ? 
# 
_exptl.absorpt_coefficient_mu     ? 
_exptl.absorpt_correction_T_max   ? 
_exptl.absorpt_correction_T_min   ? 
_exptl.absorpt_correction_type    ? 
_exptl.absorpt_process_details    ? 
_exptl.entry_id                   7Z7M 
_exptl.crystals_number            1 
_exptl.details                    ? 
_exptl.method                     'X-RAY DIFFRACTION' 
_exptl.method_details             ? 
# 
_exptl_crystal.colour                      ? 
_exptl_crystal.density_diffrn              ? 
_exptl_crystal.density_Matthews            2.89 
_exptl_crystal.density_method              ? 
_exptl_crystal.density_percent_sol         57.49 
_exptl_crystal.description                 ? 
_exptl_crystal.F_000                       ? 
_exptl_crystal.id                          1 
_exptl_crystal.preparation                 ? 
_exptl_crystal.size_max                    ? 
_exptl_crystal.size_mid                    ? 
_exptl_crystal.size_min                    ? 
_exptl_crystal.size_rad                    ? 
_exptl_crystal.colour_lustre               ? 
_exptl_crystal.colour_modifier             ? 
_exptl_crystal.colour_primary              ? 
_exptl_crystal.density_meas                ? 
_exptl_crystal.density_meas_esd            ? 
_exptl_crystal.density_meas_gt             ? 
_exptl_crystal.density_meas_lt             ? 
_exptl_crystal.density_meas_temp           ? 
_exptl_crystal.density_meas_temp_esd       ? 
_exptl_crystal.density_meas_temp_gt        ? 
_exptl_crystal.density_meas_temp_lt        ? 
_exptl_crystal.pdbx_crystal_image_url      ? 
_exptl_crystal.pdbx_crystal_image_format   ? 
_exptl_crystal.pdbx_mosaicity              ? 
_exptl_crystal.pdbx_mosaicity_esd          ? 
# 
_exptl_crystal_grow.apparatus       ? 
_exptl_crystal_grow.atmosphere      ? 
_exptl_crystal_grow.crystal_id      1 
_exptl_crystal_grow.details         ? 
_exptl_crystal_grow.method          'VAPOR DIFFUSION, HANGING DROP' 
_exptl_crystal_grow.method_ref      ? 
_exptl_crystal_grow.pH              6.5 
_exptl_crystal_grow.pressure        ? 
_exptl_crystal_grow.pressure_esd    ? 
_exptl_crystal_grow.seeding         ? 
_exptl_crystal_grow.seeding_ref     ? 
_exptl_crystal_grow.temp            293 
_exptl_crystal_grow.temp_details    ? 
_exptl_crystal_grow.temp_esd        ? 
_exptl_crystal_grow.time            ? 
_exptl_crystal_grow.pdbx_details    
;Natrix crystallization screen (Hampton Research)
precipitant 18-22% (+/-)-2-Methyl-2,4-pentanediol
buffer 0.04 M Sodium cacodylate trihydrate
salt 0.04 M Magnezium chloride hexahydrate
0.08 M Strontium chloride hexahydrate
additive 0.012 M spermine tetrahydrochloride
;
_exptl_crystal_grow.pdbx_pH_range   ? 
# 
_diffrn.ambient_environment              ? 
_diffrn.ambient_temp                     100 
_diffrn.ambient_temp_details             ? 
_diffrn.ambient_temp_esd                 ? 
_diffrn.crystal_id                       1 
_diffrn.crystal_support                  ? 
_diffrn.crystal_treatment                ? 
_diffrn.details                          ? 
_diffrn.id                               1 
_diffrn.ambient_pressure                 ? 
_diffrn.ambient_pressure_esd             ? 
_diffrn.ambient_pressure_gt              ? 
_diffrn.ambient_pressure_lt              ? 
_diffrn.ambient_temp_gt                  ? 
_diffrn.ambient_temp_lt                  ? 
_diffrn.pdbx_serial_crystal_experiment   N 
# 
_diffrn_detector.details                      ? 
_diffrn_detector.detector                     PIXEL 
_diffrn_detector.diffrn_id                    1 
_diffrn_detector.type                         'Bruker PHOTON III' 
_diffrn_detector.area_resol_mean              ? 
_diffrn_detector.dtime                        ? 
_diffrn_detector.pdbx_frames_total            ? 
_diffrn_detector.pdbx_collection_time_total   ? 
_diffrn_detector.pdbx_collection_date         2021-04-15 
_diffrn_detector.pdbx_frequency               ? 
# 
_diffrn_radiation.collimation                      ? 
_diffrn_radiation.diffrn_id                        1 
_diffrn_radiation.filter_edge                      ? 
_diffrn_radiation.inhomogeneity                    ? 
_diffrn_radiation.monochromator                    'Si (111)' 
_diffrn_radiation.polarisn_norm                    ? 
_diffrn_radiation.polarisn_ratio                   ? 
_diffrn_radiation.probe                            ? 
_diffrn_radiation.type                             ? 
_diffrn_radiation.xray_symbol                      ? 
_diffrn_radiation.wavelength_id                    1 
_diffrn_radiation.pdbx_monochromatic_or_laue_m_l   M 
_diffrn_radiation.pdbx_wavelength_list             ? 
_diffrn_radiation.pdbx_wavelength                  ? 
_diffrn_radiation.pdbx_diffrn_protocol             'SINGLE WAVELENGTH' 
_diffrn_radiation.pdbx_analyzer                    ? 
_diffrn_radiation.pdbx_scattering_type             x-ray 
# 
_diffrn_radiation_wavelength.id           1 
_diffrn_radiation_wavelength.wavelength   1.3418 
_diffrn_radiation_wavelength.wt           1.0 
# 
_diffrn_source.current                     ? 
_diffrn_source.details                     ? 
_diffrn_source.diffrn_id                   1 
_diffrn_source.power                       ? 
_diffrn_source.size                        ? 
_diffrn_source.source                      'LIQUID ANODE' 
_diffrn_source.target                      ? 
_diffrn_source.type                        'BRUKER METALJET' 
_diffrn_source.voltage                     ? 
_diffrn_source.take-off_angle              ? 
_diffrn_source.pdbx_wavelength_list        1.3418 
_diffrn_source.pdbx_wavelength             ? 
_diffrn_source.pdbx_synchrotron_beamline   ? 
_diffrn_source.pdbx_synchrotron_site       ? 
# 
_reflns.B_iso_Wilson_estimate                          66.89 
_reflns.entry_id                                       7Z7M 
_reflns.data_reduction_details                         ? 
_reflns.data_reduction_method                          ? 
_reflns.d_resolution_high                              2.40 
_reflns.d_resolution_low                               28.72 
_reflns.details                                        ? 
_reflns.limit_h_max                                    ? 
_reflns.limit_h_min                                    ? 
_reflns.limit_k_max                                    ? 
_reflns.limit_k_min                                    ? 
_reflns.limit_l_max                                    ? 
_reflns.limit_l_min                                    ? 
_reflns.number_all                                     ? 
_reflns.number_obs                                     2658 
_reflns.observed_criterion                             ? 
_reflns.observed_criterion_F_max                       ? 
_reflns.observed_criterion_F_min                       ? 
_reflns.observed_criterion_I_max                       ? 
_reflns.observed_criterion_I_min                       ? 
_reflns.observed_criterion_sigma_F                     ? 
_reflns.observed_criterion_sigma_I                     ? 
_reflns.percent_possible_obs                           94.4 
_reflns.R_free_details                                 ? 
_reflns.Rmerge_F_all                                   ? 
_reflns.Rmerge_F_obs                                   ? 
_reflns.Friedel_coverage                               ? 
_reflns.number_gt                                      ? 
_reflns.threshold_expression                           ? 
_reflns.pdbx_redundancy                                32.7 
_reflns.pdbx_Rmerge_I_obs                              0.062 
_reflns.pdbx_Rmerge_I_all                              ? 
_reflns.pdbx_Rsym_value                                ? 
_reflns.pdbx_netI_over_av_sigmaI                       ? 
_reflns.pdbx_netI_over_sigmaI                          35.7 
_reflns.pdbx_res_netI_over_av_sigmaI_2                 ? 
_reflns.pdbx_res_netI_over_sigmaI_2                    ? 
_reflns.pdbx_chi_squared                               1.08 
_reflns.pdbx_scaling_rejects                           ? 
_reflns.pdbx_d_res_high_opt                            ? 
_reflns.pdbx_d_res_low_opt                             ? 
_reflns.pdbx_d_res_opt_method                          ? 
_reflns.phase_calculation_details                      ? 
_reflns.pdbx_Rrim_I_all                                0.064 
_reflns.pdbx_Rpim_I_all                                0.012 
_reflns.pdbx_d_opt                                     ? 
_reflns.pdbx_number_measured_all                       ? 
_reflns.pdbx_diffrn_id                                 1 
_reflns.pdbx_ordinal                                   1 
_reflns.pdbx_CC_half                                   1.000 
_reflns.pdbx_CC_star                                   ? 
_reflns.pdbx_R_split                                   ? 
_reflns.pdbx_aniso_diffraction_limit_axis_1_ortho[1]   ? 
_reflns.pdbx_aniso_diffraction_limit_axis_1_ortho[2]   ? 
_reflns.pdbx_aniso_diffraction_limit_axis_1_ortho[3]   ? 
_reflns.pdbx_aniso_diffraction_limit_axis_2_ortho[1]   ? 
_reflns.pdbx_aniso_diffraction_limit_axis_2_ortho[2]   ? 
_reflns.pdbx_aniso_diffraction_limit_axis_2_ortho[3]   ? 
_reflns.pdbx_aniso_diffraction_limit_axis_3_ortho[1]   ? 
_reflns.pdbx_aniso_diffraction_limit_axis_3_ortho[2]   ? 
_reflns.pdbx_aniso_diffraction_limit_axis_3_ortho[3]   ? 
_reflns.pdbx_aniso_diffraction_limit_1                 ? 
_reflns.pdbx_aniso_diffraction_limit_2                 ? 
_reflns.pdbx_aniso_diffraction_limit_3                 ? 
_reflns.pdbx_aniso_B_tensor_eigenvector_1_ortho[1]     ? 
_reflns.pdbx_aniso_B_tensor_eigenvector_1_ortho[2]     ? 
_reflns.pdbx_aniso_B_tensor_eigenvector_1_ortho[3]     ? 
_reflns.pdbx_aniso_B_tensor_eigenvector_2_ortho[1]     ? 
_reflns.pdbx_aniso_B_tensor_eigenvector_2_ortho[2]     ? 
_reflns.pdbx_aniso_B_tensor_eigenvector_2_ortho[3]     ? 
_reflns.pdbx_aniso_B_tensor_eigenvector_3_ortho[1]     ? 
_reflns.pdbx_aniso_B_tensor_eigenvector_3_ortho[2]     ? 
_reflns.pdbx_aniso_B_tensor_eigenvector_3_ortho[3]     ? 
_reflns.pdbx_aniso_B_tensor_eigenvalue_1               ? 
_reflns.pdbx_aniso_B_tensor_eigenvalue_2               ? 
_reflns.pdbx_aniso_B_tensor_eigenvalue_3               ? 
_reflns.pdbx_orthogonalization_convention              ? 
_reflns.pdbx_percent_possible_ellipsoidal              ? 
_reflns.pdbx_percent_possible_spherical                ? 
_reflns.pdbx_percent_possible_ellipsoidal_anomalous    ? 
_reflns.pdbx_percent_possible_spherical_anomalous      ? 
_reflns.pdbx_redundancy_anomalous                      ? 
_reflns.pdbx_CC_half_anomalous                         ? 
_reflns.pdbx_absDiff_over_sigma_anomalous              ? 
_reflns.pdbx_percent_possible_anomalous                ? 
_reflns.pdbx_observed_signal_threshold                 ? 
_reflns.pdbx_signal_type                               ? 
_reflns.pdbx_signal_details                            ? 
_reflns.pdbx_signal_software_id                        ? 
# 
_reflns_shell.d_res_high                                    2.40 
_reflns_shell.d_res_low                                     2.50 
_reflns_shell.meanI_over_sigI_all                           ? 
_reflns_shell.meanI_over_sigI_obs                           2.9 
_reflns_shell.number_measured_all                           ? 
_reflns_shell.number_measured_obs                           ? 
_reflns_shell.number_possible                               ? 
_reflns_shell.number_unique_all                             ? 
_reflns_shell.number_unique_obs                             301 
_reflns_shell.percent_possible_all                          99.3 
_reflns_shell.percent_possible_obs                          ? 
_reflns_shell.Rmerge_F_all                                  ? 
_reflns_shell.Rmerge_F_obs                                  ? 
_reflns_shell.Rmerge_I_all                                  ? 
_reflns_shell.Rmerge_I_obs                                  1.314 
_reflns_shell.meanI_over_sigI_gt                            ? 
_reflns_shell.meanI_over_uI_all                             ? 
_reflns_shell.meanI_over_uI_gt                              ? 
_reflns_shell.number_measured_gt                            ? 
_reflns_shell.number_unique_gt                              ? 
_reflns_shell.percent_possible_gt                           ? 
_reflns_shell.Rmerge_F_gt                                   ? 
_reflns_shell.Rmerge_I_gt                                   ? 
_reflns_shell.pdbx_redundancy                               33.2 
_reflns_shell.pdbx_Rsym_value                               ? 
_reflns_shell.pdbx_chi_squared                              0.69 
_reflns_shell.pdbx_netI_over_sigmaI_all                     ? 
_reflns_shell.pdbx_netI_over_sigmaI_obs                     ? 
_reflns_shell.pdbx_Rrim_I_all                               1.334 
_reflns_shell.pdbx_Rpim_I_all                               0.229 
_reflns_shell.pdbx_rejects                                  ? 
_reflns_shell.pdbx_ordinal                                  1 
_reflns_shell.pdbx_diffrn_id                                1 
_reflns_shell.pdbx_CC_half                                  0.900 
_reflns_shell.pdbx_CC_star                                  ? 
_reflns_shell.pdbx_R_split                                  ? 
_reflns_shell.pdbx_percent_possible_ellipsoidal             ? 
_reflns_shell.pdbx_percent_possible_spherical               ? 
_reflns_shell.pdbx_percent_possible_ellipsoidal_anomalous   ? 
_reflns_shell.pdbx_percent_possible_spherical_anomalous     ? 
_reflns_shell.pdbx_redundancy_anomalous                     ? 
_reflns_shell.pdbx_CC_half_anomalous                        ? 
_reflns_shell.pdbx_absDiff_over_sigma_anomalous             ? 
_reflns_shell.pdbx_percent_possible_anomalous               ? 
# 
_refine.aniso_B[1][1]                            ? 
_refine.aniso_B[1][2]                            ? 
_refine.aniso_B[1][3]                            ? 
_refine.aniso_B[2][2]                            ? 
_refine.aniso_B[2][3]                            ? 
_refine.aniso_B[3][3]                            ? 
_refine.B_iso_max                                ? 
_refine.B_iso_mean                               64.98 
_refine.B_iso_min                                ? 
_refine.correlation_coeff_Fo_to_Fc               ? 
_refine.correlation_coeff_Fo_to_Fc_free          ? 
_refine.details                                  ? 
_refine.diff_density_max                         ? 
_refine.diff_density_max_esd                     ? 
_refine.diff_density_min                         ? 
_refine.diff_density_min_esd                     ? 
_refine.diff_density_rms                         ? 
_refine.diff_density_rms_esd                     ? 
_refine.entry_id                                 7Z7M 
_refine.pdbx_refine_id                           'X-RAY DIFFRACTION' 
_refine.ls_abs_structure_details                 ? 
_refine.ls_abs_structure_Flack                   ? 
_refine.ls_abs_structure_Flack_esd               ? 
_refine.ls_abs_structure_Rogers                  ? 
_refine.ls_abs_structure_Rogers_esd              ? 
_refine.ls_d_res_high                            2.60 
_refine.ls_d_res_low                             28.72 
_refine.ls_extinction_coef                       ? 
_refine.ls_extinction_coef_esd                   ? 
_refine.ls_extinction_expression                 ? 
_refine.ls_extinction_method                     ? 
_refine.ls_goodness_of_fit_all                   ? 
_refine.ls_goodness_of_fit_all_esd               ? 
_refine.ls_goodness_of_fit_obs                   ? 
_refine.ls_goodness_of_fit_obs_esd               ? 
_refine.ls_hydrogen_treatment                    ? 
_refine.ls_matrix_type                           ? 
_refine.ls_number_constraints                    ? 
_refine.ls_number_parameters                     ? 
_refine.ls_number_reflns_all                     ? 
_refine.ls_number_reflns_obs                     2092 
_refine.ls_number_reflns_R_free                  88 
_refine.ls_number_reflns_R_work                  0 
_refine.ls_number_restraints                     ? 
_refine.ls_percent_reflns_obs                    92.85 
_refine.ls_percent_reflns_R_free                 4.2 
_refine.ls_R_factor_all                          ? 
_refine.ls_R_factor_obs                          0.2379 
_refine.ls_R_factor_R_free                       0.2921 
_refine.ls_R_factor_R_free_error                 ? 
_refine.ls_R_factor_R_free_error_details         ? 
_refine.ls_R_factor_R_work                       0.2326 
_refine.ls_R_Fsqd_factor_obs                     ? 
_refine.ls_R_I_factor_obs                        ? 
_refine.ls_redundancy_reflns_all                 ? 
_refine.ls_redundancy_reflns_obs                 ? 
_refine.ls_restrained_S_all                      ? 
_refine.ls_restrained_S_obs                      ? 
_refine.ls_shift_over_esd_max                    ? 
_refine.ls_shift_over_esd_mean                   ? 
_refine.ls_structure_factor_coef                 ? 
_refine.ls_weighting_details                     ? 
_refine.ls_weighting_scheme                      ? 
_refine.ls_wR_factor_all                         ? 
_refine.ls_wR_factor_obs                         ? 
_refine.ls_wR_factor_R_free                      ? 
_refine.ls_wR_factor_R_work                      ? 
_refine.occupancy_max                            ? 
_refine.occupancy_min                            ? 
_refine.solvent_model_details                    'FLAT BULK SOLVENT MODEL' 
_refine.solvent_model_param_bsol                 ? 
_refine.solvent_model_param_ksol                 ? 
_refine.pdbx_R_complete                          ? 
_refine.ls_R_factor_gt                           ? 
_refine.ls_goodness_of_fit_gt                    ? 
_refine.ls_goodness_of_fit_ref                   ? 
_refine.ls_shift_over_su_max                     ? 
_refine.ls_shift_over_su_max_lt                  ? 
_refine.ls_shift_over_su_mean                    ? 
_refine.ls_shift_over_su_mean_lt                 ? 
_refine.pdbx_ls_sigma_I                          ? 
_refine.pdbx_ls_sigma_F                          1.35 
_refine.pdbx_ls_sigma_Fsqd                       ? 
_refine.pdbx_data_cutoff_high_absF               ? 
_refine.pdbx_data_cutoff_high_rms_absF           ? 
_refine.pdbx_data_cutoff_low_absF                ? 
_refine.pdbx_isotropic_thermal_model             ? 
_refine.pdbx_ls_cross_valid_method               'FREE R-VALUE' 
_refine.pdbx_method_to_determine_struct          'MOLECULAR REPLACEMENT' 
_refine.pdbx_starting_model                      6ROS 
_refine.pdbx_stereochemistry_target_values       'GeoStd + Monomer Library + CDL v1.2' 
_refine.pdbx_R_Free_selection_details            Random 
_refine.pdbx_stereochem_target_val_spec_case     ? 
_refine.pdbx_overall_ESU_R                       ? 
_refine.pdbx_overall_ESU_R_Free                  ? 
_refine.pdbx_solvent_vdw_probe_radii             1.1100 
_refine.pdbx_solvent_ion_probe_radii             ? 
_refine.pdbx_solvent_shrinkage_radii             0.9000 
_refine.pdbx_real_space_R                        ? 
_refine.pdbx_density_correlation                 ? 
_refine.pdbx_pd_number_of_powder_patterns        ? 
_refine.pdbx_pd_number_of_points                 ? 
_refine.pdbx_pd_meas_number_of_points            ? 
_refine.pdbx_pd_proc_ls_prof_R_factor            ? 
_refine.pdbx_pd_proc_ls_prof_wR_factor           ? 
_refine.pdbx_pd_Marquardt_correlation_coeff      ? 
_refine.pdbx_pd_Fsqrd_R_factor                   ? 
_refine.pdbx_pd_ls_matrix_band_width             ? 
_refine.pdbx_overall_phase_error                 29.5453 
_refine.pdbx_overall_SU_R_free_Cruickshank_DPI   ? 
_refine.pdbx_overall_SU_R_free_Blow_DPI          ? 
_refine.pdbx_overall_SU_R_Blow_DPI               ? 
_refine.pdbx_TLS_residual_ADP_flag               ? 
_refine.pdbx_diffrn_id                           1 
_refine.overall_SU_B                             ? 
_refine.overall_SU_ML                            0.4592 
_refine.overall_SU_R_Cruickshank_DPI             ? 
_refine.overall_SU_R_free                        ? 
_refine.overall_FOM_free_R_set                   ? 
_refine.overall_FOM_work_R_set                   ? 
_refine.pdbx_average_fsc_overall                 ? 
_refine.pdbx_average_fsc_work                    ? 
_refine.pdbx_average_fsc_free                    ? 
# 
_refine_hist.pdbx_refine_id                   'X-RAY DIFFRACTION' 
_refine_hist.cycle_id                         LAST 
_refine_hist.details                          ? 
_refine_hist.d_res_high                       2.60 
_refine_hist.d_res_low                        28.72 
_refine_hist.number_atoms_solvent             0 
_refine_hist.number_atoms_total               364 
_refine_hist.number_reflns_all                ? 
_refine_hist.number_reflns_obs                ? 
_refine_hist.number_reflns_R_free             ? 
_refine_hist.number_reflns_R_work             ? 
_refine_hist.R_factor_all                     ? 
_refine_hist.R_factor_obs                     ? 
_refine_hist.R_factor_R_free                  ? 
_refine_hist.R_factor_R_work                  ? 
_refine_hist.pdbx_number_residues_total       ? 
_refine_hist.pdbx_B_iso_mean_ligand           ? 
_refine_hist.pdbx_B_iso_mean_solvent          ? 
_refine_hist.pdbx_number_atoms_protein        0 
_refine_hist.pdbx_number_atoms_nucleic_acid   363 
_refine_hist.pdbx_number_atoms_ligand         1 
_refine_hist.pdbx_number_atoms_lipid          ? 
_refine_hist.pdbx_number_atoms_carb           ? 
_refine_hist.pdbx_pseudo_atom_details         ? 
# 
loop_
_refine_ls_restr.pdbx_refine_id 
_refine_ls_restr.criterion 
_refine_ls_restr.dev_ideal 
_refine_ls_restr.dev_ideal_target 
_refine_ls_restr.number 
_refine_ls_restr.rejects 
_refine_ls_restr.type 
_refine_ls_restr.weight 
_refine_ls_restr.pdbx_restraint_function 
'X-RAY DIFFRACTION' ? 0.0108  ? 406 ? f_bond_d           ? ? 
'X-RAY DIFFRACTION' ? 1.2773  ? 624 ? f_angle_d          ? ? 
'X-RAY DIFFRACTION' ? 0.0724  ? 71  ? f_chiral_restr     ? ? 
'X-RAY DIFFRACTION' ? 0.0051  ? 18  ? f_plane_restr      ? ? 
'X-RAY DIFFRACTION' ? 17.6647 ? 176 ? f_dihedral_angle_d ? ? 
# 
_refine_ls_shell.pdbx_refine_id                   'X-RAY DIFFRACTION' 
_refine_ls_shell.d_res_high                       2.60 
_refine_ls_shell.d_res_low                        2.69 
_refine_ls_shell.number_reflns_all                ? 
_refine_ls_shell.number_reflns_obs                ? 
_refine_ls_shell.number_reflns_R_free             5 
_refine_ls_shell.number_reflns_R_work             220 
_refine_ls_shell.percent_reflns_obs               100.00 
_refine_ls_shell.percent_reflns_R_free            2.2 
_refine_ls_shell.R_factor_all                     ? 
_refine_ls_shell.R_factor_obs                     ? 
_refine_ls_shell.R_factor_R_free                  0.6781 
_refine_ls_shell.R_factor_R_free_error            ? 
_refine_ls_shell.R_factor_R_work                  0.3798 
_refine_ls_shell.redundancy_reflns_all            ? 
_refine_ls_shell.redundancy_reflns_obs            ? 
_refine_ls_shell.wR_factor_all                    ? 
_refine_ls_shell.wR_factor_obs                    ? 
_refine_ls_shell.wR_factor_R_free                 ? 
_refine_ls_shell.wR_factor_R_work                 ? 
_refine_ls_shell.pdbx_R_complete                  ? 
_refine_ls_shell.pdbx_total_number_of_bins_used   ? 
_refine_ls_shell.pdbx_phase_error                 ? 
_refine_ls_shell.pdbx_fsc_work                    ? 
_refine_ls_shell.pdbx_fsc_free                    ? 
# 
_struct.entry_id                     7Z7M 
_struct.title                        'REP-related Chom18 variant with double CC mismatch' 
_struct.pdbx_model_details           ? 
_struct.pdbx_formula_weight          ? 
_struct.pdbx_formula_weight_method   ? 
_struct.pdbx_model_type_details      ? 
_struct.pdbx_CASP_flag               N 
# 
_struct_keywords.entry_id        7Z7M 
_struct_keywords.text            'Mismatch, Non-canonical, Base pair, Double helix, DNA' 
_struct_keywords.pdbx_keywords   DNA 
# 
loop_
_struct_asym.id 
_struct_asym.pdbx_blank_PDB_chainid_flag 
_struct_asym.pdbx_modified 
_struct_asym.entity_id 
_struct_asym.details 
A N N 1 ? 
B N N 2 ? 
# 
_struct_ref.id                         1 
_struct_ref.db_name                    PDB 
_struct_ref.db_code                    7Z7M 
_struct_ref.pdbx_db_accession          7Z7M 
_struct_ref.pdbx_db_isoform            ? 
_struct_ref.entity_id                  1 
_struct_ref.pdbx_seq_one_letter_code   ? 
_struct_ref.pdbx_align_begin           1 
# 
_struct_ref_seq.align_id                      1 
_struct_ref_seq.ref_id                        1 
_struct_ref_seq.pdbx_PDB_id_code              7Z7M 
_struct_ref_seq.pdbx_strand_id                A 
_struct_ref_seq.seq_align_beg                 1 
_struct_ref_seq.pdbx_seq_align_beg_ins_code   ? 
_struct_ref_seq.seq_align_end                 18 
_struct_ref_seq.pdbx_seq_align_end_ins_code   ? 
_struct_ref_seq.pdbx_db_accession             7Z7M 
_struct_ref_seq.db_align_beg                  1 
_struct_ref_seq.pdbx_db_align_beg_ins_code    ? 
_struct_ref_seq.db_align_end                  18 
_struct_ref_seq.pdbx_db_align_end_ins_code    ? 
_struct_ref_seq.pdbx_auth_seq_align_beg       1 
_struct_ref_seq.pdbx_auth_seq_align_end       18 
# 
_pdbx_struct_assembly.id                   1 
_pdbx_struct_assembly.details              author_and_software_defined_assembly 
_pdbx_struct_assembly.method_details       PISA 
_pdbx_struct_assembly.oligomeric_details   dimeric 
_pdbx_struct_assembly.oligomeric_count     2 
# 
loop_
_pdbx_struct_assembly_prop.biol_id 
_pdbx_struct_assembly_prop.type 
_pdbx_struct_assembly_prop.value 
_pdbx_struct_assembly_prop.details 
1 'ABSA (A^2)' 2170 ? 
1 MORE         -66  ? 
1 'SSA (A^2)'  6340 ? 
# 
_pdbx_struct_assembly_gen.assembly_id       1 
_pdbx_struct_assembly_gen.oper_expression   1,2 
_pdbx_struct_assembly_gen.asym_id_list      A,B 
# 
_pdbx_struct_assembly_auth_evidence.id                     1 
_pdbx_struct_assembly_auth_evidence.assembly_id            1 
_pdbx_struct_assembly_auth_evidence.experimental_support   none 
_pdbx_struct_assembly_auth_evidence.details                ? 
# 
loop_
_pdbx_struct_oper_list.id 
_pdbx_struct_oper_list.type 
_pdbx_struct_oper_list.name 
_pdbx_struct_oper_list.symmetry_operation 
_pdbx_struct_oper_list.matrix[1][1] 
_pdbx_struct_oper_list.matrix[1][2] 
_pdbx_struct_oper_list.matrix[1][3] 
_pdbx_struct_oper_list.vector[1] 
_pdbx_struct_oper_list.matrix[2][1] 
_pdbx_struct_oper_list.matrix[2][2] 
_pdbx_struct_oper_list.matrix[2][3] 
_pdbx_struct_oper_list.vector[2] 
_pdbx_struct_oper_list.matrix[3][1] 
_pdbx_struct_oper_list.matrix[3][2] 
_pdbx_struct_oper_list.matrix[3][3] 
_pdbx_struct_oper_list.vector[3] 
1 'identity operation'         1_555 x,y,z      1.0000000000  0.0000000000  0.0000000000 0.0000000000 0.0000000000  1.0000000000 0.0000000000  0.0000000000  0.0000000000 0.0000000000  1.0000000000  0.0000000000  
2 'crystal symmetry operation' 7_465 y-1,x+1,-z -0.9672160786 -0.2211300840 0.1248781133 3.0238383207 -0.2211300840 0.4915395109 -0.8423125282 -0.0208232294 0.1248781133 -0.8423125282 -0.5243234323 -0.8307133847 
# 
loop_
_struct_conn.id 
_struct_conn.conn_type_id 
_struct_conn.pdbx_leaving_atom_flag 
_struct_conn.pdbx_PDB_id 
_struct_conn.ptnr1_label_asym_id 
_struct_conn.ptnr1_label_comp_id 
_struct_conn.ptnr1_label_seq_id 
_struct_conn.ptnr1_label_atom_id 
_struct_conn.pdbx_ptnr1_label_alt_id 
_struct_conn.pdbx_ptnr1_PDB_ins_code 
_struct_conn.pdbx_ptnr1_standard_comp_id 
_struct_conn.ptnr1_symmetry 
_struct_conn.ptnr2_label_asym_id 
_struct_conn.ptnr2_label_comp_id 
_struct_conn.ptnr2_label_seq_id 
_struct_conn.ptnr2_label_atom_id 
_struct_conn.pdbx_ptnr2_label_alt_id 
_struct_conn.pdbx_ptnr2_PDB_ins_code 
_struct_conn.ptnr1_auth_asym_id 
_struct_conn.ptnr1_auth_comp_id 
_struct_conn.ptnr1_auth_seq_id 
_struct_conn.ptnr2_auth_asym_id 
_struct_conn.ptnr2_auth_comp_id 
_struct_conn.ptnr2_auth_seq_id 
_struct_conn.ptnr2_symmetry 
_struct_conn.pdbx_ptnr3_label_atom_id 
_struct_conn.pdbx_ptnr3_label_seq_id 
_struct_conn.pdbx_ptnr3_label_comp_id 
_struct_conn.pdbx_ptnr3_label_asym_id 
_struct_conn.pdbx_ptnr3_label_alt_id 
_struct_conn.pdbx_ptnr3_PDB_ins_code 
_struct_conn.details 
_struct_conn.pdbx_dist_value 
_struct_conn.pdbx_value_order 
_struct_conn.pdbx_role 
hydrog1  hydrog ? ? A DG 1  N1 ? ? ? 1_555 A DC 18 N3 ? ? A DG 1  A DC 18 7_465 ? ? ? ? ? ? WATSON-CRICK    ? ? ? 
hydrog2  hydrog ? ? A DG 1  N2 ? ? ? 1_555 A DC 18 O2 ? ? A DG 1  A DC 18 7_465 ? ? ? ? ? ? WATSON-CRICK    ? ? ? 
hydrog3  hydrog ? ? A DG 1  O6 ? ? ? 1_555 A DC 18 N4 ? ? A DG 1  A DC 18 7_465 ? ? ? ? ? ? WATSON-CRICK    ? ? ? 
hydrog4  hydrog ? ? A DG 2  N1 ? ? ? 1_555 A DC 17 N3 ? ? A DG 2  A DC 17 7_465 ? ? ? ? ? ? WATSON-CRICK    ? ? ? 
hydrog5  hydrog ? ? A DG 2  N2 ? ? ? 1_555 A DC 17 O2 ? ? A DG 2  A DC 17 7_465 ? ? ? ? ? ? WATSON-CRICK    ? ? ? 
hydrog6  hydrog ? ? A DG 2  O6 ? ? ? 1_555 A DC 17 N4 ? ? A DG 2  A DC 17 7_465 ? ? ? ? ? ? WATSON-CRICK    ? ? ? 
hydrog7  hydrog ? ? A DT 3  N3 ? ? ? 1_555 A DA 16 N1 ? ? A DT 3  A DA 16 7_465 ? ? ? ? ? ? WATSON-CRICK    ? ? ? 
hydrog8  hydrog ? ? A DT 3  O4 ? ? ? 1_555 A DA 16 N6 ? ? A DT 3  A DA 16 7_465 ? ? ? ? ? ? WATSON-CRICK    ? ? ? 
hydrog9  hydrog ? ? A DG 4  N1 ? ? ? 1_555 A DC 15 N3 ? ? A DG 4  A DC 15 7_465 ? ? ? ? ? ? WATSON-CRICK    ? ? ? 
hydrog10 hydrog ? ? A DG 4  N2 ? ? ? 1_555 A DC 15 O2 ? ? A DG 4  A DC 15 7_465 ? ? ? ? ? ? WATSON-CRICK    ? ? ? 
hydrog11 hydrog ? ? A DG 4  O6 ? ? ? 1_555 A DC 15 N4 ? ? A DG 4  A DC 15 7_465 ? ? ? ? ? ? WATSON-CRICK    ? ? ? 
hydrog12 hydrog ? ? A DG 5  N1 ? ? ? 1_555 A DC 14 N3 ? ? A DG 5  A DC 14 7_465 ? ? ? ? ? ? WATSON-CRICK    ? ? ? 
hydrog13 hydrog ? ? A DG 5  N2 ? ? ? 1_555 A DC 14 O2 ? ? A DG 5  A DC 14 7_465 ? ? ? ? ? ? WATSON-CRICK    ? ? ? 
hydrog14 hydrog ? ? A DG 5  O6 ? ? ? 1_555 A DC 14 N4 ? ? A DG 5  A DC 14 7_465 ? ? ? ? ? ? WATSON-CRICK    ? ? ? 
hydrog15 hydrog ? ? A DG 6  N1 ? ? ? 1_555 A DC 13 N3 ? ? A DG 6  A DC 13 7_465 ? ? ? ? ? ? WATSON-CRICK    ? ? ? 
hydrog16 hydrog ? ? A DG 6  N2 ? ? ? 1_555 A DC 13 O2 ? ? A DG 6  A DC 13 7_465 ? ? ? ? ? ? WATSON-CRICK    ? ? ? 
hydrog17 hydrog ? ? A DG 6  O6 ? ? ? 1_555 A DC 13 N4 ? ? A DG 6  A DC 13 7_465 ? ? ? ? ? ? WATSON-CRICK    ? ? ? 
hydrog18 hydrog ? ? A DG 7  N1 ? ? ? 1_555 A DC 12 N3 ? ? A DG 7  A DC 12 7_465 ? ? ? ? ? ? WATSON-CRICK    ? ? ? 
hydrog19 hydrog ? ? A DG 7  N2 ? ? ? 1_555 A DC 12 O2 ? ? A DG 7  A DC 12 7_465 ? ? ? ? ? ? WATSON-CRICK    ? ? ? 
hydrog20 hydrog ? ? A DG 7  O6 ? ? ? 1_555 A DC 12 N4 ? ? A DG 7  A DC 12 7_465 ? ? ? ? ? ? WATSON-CRICK    ? ? ? 
hydrog21 hydrog ? ? A DC 8  O2 ? ? ? 1_555 A DG 11 N2 ? ? A DC 8  A DG 11 7_465 ? ? ? ? ? ? 'DC-DG PAIR'    ? ? ? 
hydrog22 hydrog ? ? A DG 11 N1 ? ? ? 1_555 A DG 7  O6 ? ? A DG 11 A DG 7  7_465 ? ? ? ? ? ? 'DG-DG MISPAIR' ? ? ? 
hydrog23 hydrog ? ? A DG 11 N2 ? ? ? 1_555 A DC 8  O2 ? ? A DG 11 A DC 8  7_465 ? ? ? ? ? ? 'DG-DC PAIR'    ? ? ? 
hydrog24 hydrog ? ? A DC 12 N3 ? ? ? 1_555 A DG 7  N1 ? ? A DC 12 A DG 7  7_465 ? ? ? ? ? ? WATSON-CRICK    ? ? ? 
hydrog25 hydrog ? ? A DC 12 N4 ? ? ? 1_555 A DG 7  O6 ? ? A DC 12 A DG 7  7_465 ? ? ? ? ? ? WATSON-CRICK    ? ? ? 
hydrog26 hydrog ? ? A DC 12 O2 ? ? ? 1_555 A DG 7  N2 ? ? A DC 12 A DG 7  7_465 ? ? ? ? ? ? WATSON-CRICK    ? ? ? 
hydrog27 hydrog ? ? A DC 13 N3 ? ? ? 1_555 A DG 6  N1 ? ? A DC 13 A DG 6  7_465 ? ? ? ? ? ? WATSON-CRICK    ? ? ? 
hydrog28 hydrog ? ? A DC 13 N4 ? ? ? 1_555 A DG 6  O6 ? ? A DC 13 A DG 6  7_465 ? ? ? ? ? ? WATSON-CRICK    ? ? ? 
hydrog29 hydrog ? ? A DC 13 O2 ? ? ? 1_555 A DG 6  N2 ? ? A DC 13 A DG 6  7_465 ? ? ? ? ? ? WATSON-CRICK    ? ? ? 
hydrog30 hydrog ? ? A DC 14 N3 ? ? ? 1_555 A DG 5  N1 ? ? A DC 14 A DG 5  7_465 ? ? ? ? ? ? WATSON-CRICK    ? ? ? 
hydrog31 hydrog ? ? A DC 14 N4 ? ? ? 1_555 A DG 5  O6 ? ? A DC 14 A DG 5  7_465 ? ? ? ? ? ? WATSON-CRICK    ? ? ? 
hydrog32 hydrog ? ? A DC 14 O2 ? ? ? 1_555 A DG 5  N2 ? ? A DC 14 A DG 5  7_465 ? ? ? ? ? ? WATSON-CRICK    ? ? ? 
hydrog33 hydrog ? ? A DC 15 N3 ? ? ? 1_555 A DG 4  N1 ? ? A DC 15 A DG 4  7_465 ? ? ? ? ? ? WATSON-CRICK    ? ? ? 
hydrog34 hydrog ? ? A DC 15 N4 ? ? ? 1_555 A DG 4  O6 ? ? A DC 15 A DG 4  7_465 ? ? ? ? ? ? WATSON-CRICK    ? ? ? 
hydrog35 hydrog ? ? A DC 15 O2 ? ? ? 1_555 A DG 4  N2 ? ? A DC 15 A DG 4  7_465 ? ? ? ? ? ? WATSON-CRICK    ? ? ? 
hydrog36 hydrog ? ? A DA 16 N1 ? ? ? 1_555 A DT 3  N3 ? ? A DA 16 A DT 3  7_465 ? ? ? ? ? ? WATSON-CRICK    ? ? ? 
hydrog37 hydrog ? ? A DA 16 N6 ? ? ? 1_555 A DT 3  O4 ? ? A DA 16 A DT 3  7_465 ? ? ? ? ? ? WATSON-CRICK    ? ? ? 
hydrog38 hydrog ? ? A DC 17 N3 ? ? ? 1_555 A DG 2  N1 ? ? A DC 17 A DG 2  7_465 ? ? ? ? ? ? WATSON-CRICK    ? ? ? 
hydrog39 hydrog ? ? A DC 17 N4 ? ? ? 1_555 A DG 2  O6 ? ? A DC 17 A DG 2  7_465 ? ? ? ? ? ? WATSON-CRICK    ? ? ? 
hydrog40 hydrog ? ? A DC 17 O2 ? ? ? 1_555 A DG 2  N2 ? ? A DC 17 A DG 2  7_465 ? ? ? ? ? ? WATSON-CRICK    ? ? ? 
hydrog41 hydrog ? ? A DC 18 N3 ? ? ? 1_555 A DG 1  N1 ? ? A DC 18 A DG 1  7_465 ? ? ? ? ? ? WATSON-CRICK    ? ? ? 
hydrog42 hydrog ? ? A DC 18 N4 ? ? ? 1_555 A DG 1  O6 ? ? A DC 18 A DG 1  7_465 ? ? ? ? ? ? WATSON-CRICK    ? ? ? 
hydrog43 hydrog ? ? A DC 18 O2 ? ? ? 1_555 A DG 1  N2 ? ? A DC 18 A DG 1  7_465 ? ? ? ? ? ? WATSON-CRICK    ? ? ? 
# 
_struct_conn_type.id          hydrog 
_struct_conn_type.criteria    ? 
_struct_conn_type.reference   ? 
# 
_pdbx_validate_rmsd_bond.id                        1 
_pdbx_validate_rmsd_bond.PDB_model_num             1 
_pdbx_validate_rmsd_bond.auth_atom_id_1            "O3'" 
_pdbx_validate_rmsd_bond.auth_asym_id_1            A 
_pdbx_validate_rmsd_bond.auth_comp_id_1            DA 
_pdbx_validate_rmsd_bond.auth_seq_id_1             16 
_pdbx_validate_rmsd_bond.PDB_ins_code_1            ? 
_pdbx_validate_rmsd_bond.label_alt_id_1            ? 
_pdbx_validate_rmsd_bond.auth_atom_id_2            "C3'" 
_pdbx_validate_rmsd_bond.auth_asym_id_2            A 
_pdbx_validate_rmsd_bond.auth_comp_id_2            DA 
_pdbx_validate_rmsd_bond.auth_seq_id_2             16 
_pdbx_validate_rmsd_bond.PDB_ins_code_2            ? 
_pdbx_validate_rmsd_bond.label_alt_id_2            ? 
_pdbx_validate_rmsd_bond.bond_value                1.382 
_pdbx_validate_rmsd_bond.bond_target_value         1.419 
_pdbx_validate_rmsd_bond.bond_deviation            -0.037 
_pdbx_validate_rmsd_bond.bond_standard_deviation   0.006 
_pdbx_validate_rmsd_bond.linker_flag               N 
# 
_pdbx_validate_rmsd_angle.id                         1 
_pdbx_validate_rmsd_angle.PDB_model_num              1 
_pdbx_validate_rmsd_angle.auth_atom_id_1             "O4'" 
_pdbx_validate_rmsd_angle.auth_asym_id_1             A 
_pdbx_validate_rmsd_angle.auth_comp_id_1             DG 
_pdbx_validate_rmsd_angle.auth_seq_id_1              4 
_pdbx_validate_rmsd_angle.PDB_ins_code_1             ? 
_pdbx_validate_rmsd_angle.label_alt_id_1             ? 
_pdbx_validate_rmsd_angle.auth_atom_id_2             "C1'" 
_pdbx_validate_rmsd_angle.auth_asym_id_2             A 
_pdbx_validate_rmsd_angle.auth_comp_id_2             DG 
_pdbx_validate_rmsd_angle.auth_seq_id_2              4 
_pdbx_validate_rmsd_angle.PDB_ins_code_2             ? 
_pdbx_validate_rmsd_angle.label_alt_id_2             ? 
_pdbx_validate_rmsd_angle.auth_atom_id_3             N9 
_pdbx_validate_rmsd_angle.auth_asym_id_3             A 
_pdbx_validate_rmsd_angle.auth_comp_id_3             DG 
_pdbx_validate_rmsd_angle.auth_seq_id_3              4 
_pdbx_validate_rmsd_angle.PDB_ins_code_3             ? 
_pdbx_validate_rmsd_angle.label_alt_id_3             ? 
_pdbx_validate_rmsd_angle.angle_value                112.74 
_pdbx_validate_rmsd_angle.angle_target_value         108.30 
_pdbx_validate_rmsd_angle.angle_deviation            4.44 
_pdbx_validate_rmsd_angle.angle_standard_deviation   0.30 
_pdbx_validate_rmsd_angle.linker_flag                N 
# 
loop_
_space_group_symop.id 
_space_group_symop.operation_xyz 
1 x,y,z               
2 -y+1/2,x+1/2,z+3/4  
3 y+1/2,-x+1/2,z+1/4  
4 x+1/2,-y+1/2,-z+1/4 
5 -x+1/2,y+1/2,-z+3/4 
6 -x,-y,z+1/2         
7 y,x,-z              
8 -y,-x,-z+1/2        
# 
_pdbx_entry_details.entry_id                 7Z7M 
_pdbx_entry_details.has_ligand_of_interest   N 
_pdbx_entry_details.compound_details         ? 
_pdbx_entry_details.source_details           ? 
_pdbx_entry_details.nonpolymer_details       ? 
_pdbx_entry_details.sequence_details         ? 
# 
loop_
_chem_comp_atom.comp_id 
_chem_comp_atom.atom_id 
_chem_comp_atom.type_symbol 
_chem_comp_atom.pdbx_aromatic_flag 
_chem_comp_atom.pdbx_stereo_config 
_chem_comp_atom.pdbx_ordinal 
DA OP3    O  N N 1   
DA P      P  N N 2   
DA OP1    O  N N 3   
DA OP2    O  N N 4   
DA "O5'"  O  N N 5   
DA "C5'"  C  N N 6   
DA "C4'"  C  N R 7   
DA "O4'"  O  N N 8   
DA "C3'"  C  N S 9   
DA "O3'"  O  N N 10  
DA "C2'"  C  N N 11  
DA "C1'"  C  N R 12  
DA N9     N  Y N 13  
DA C8     C  Y N 14  
DA N7     N  Y N 15  
DA C5     C  Y N 16  
DA C6     C  Y N 17  
DA N6     N  N N 18  
DA N1     N  Y N 19  
DA C2     C  Y N 20  
DA N3     N  Y N 21  
DA C4     C  Y N 22  
DA HOP3   H  N N 23  
DA HOP2   H  N N 24  
DA "H5'"  H  N N 25  
DA "H5''" H  N N 26  
DA "H4'"  H  N N 27  
DA "H3'"  H  N N 28  
DA "HO3'" H  N N 29  
DA "H2'"  H  N N 30  
DA "H2''" H  N N 31  
DA "H1'"  H  N N 32  
DA H8     H  N N 33  
DA H61    H  N N 34  
DA H62    H  N N 35  
DA H2     H  N N 36  
DC OP3    O  N N 37  
DC P      P  N N 38  
DC OP1    O  N N 39  
DC OP2    O  N N 40  
DC "O5'"  O  N N 41  
DC "C5'"  C  N N 42  
DC "C4'"  C  N R 43  
DC "O4'"  O  N N 44  
DC "C3'"  C  N S 45  
DC "O3'"  O  N N 46  
DC "C2'"  C  N N 47  
DC "C1'"  C  N R 48  
DC N1     N  N N 49  
DC C2     C  N N 50  
DC O2     O  N N 51  
DC N3     N  N N 52  
DC C4     C  N N 53  
DC N4     N  N N 54  
DC C5     C  N N 55  
DC C6     C  N N 56  
DC HOP3   H  N N 57  
DC HOP2   H  N N 58  
DC "H5'"  H  N N 59  
DC "H5''" H  N N 60  
DC "H4'"  H  N N 61  
DC "H3'"  H  N N 62  
DC "HO3'" H  N N 63  
DC "H2'"  H  N N 64  
DC "H2''" H  N N 65  
DC "H1'"  H  N N 66  
DC H41    H  N N 67  
DC H42    H  N N 68  
DC H5     H  N N 69  
DC H6     H  N N 70  
DG OP3    O  N N 71  
DG P      P  N N 72  
DG OP1    O  N N 73  
DG OP2    O  N N 74  
DG "O5'"  O  N N 75  
DG "C5'"  C  N N 76  
DG "C4'"  C  N R 77  
DG "O4'"  O  N N 78  
DG "C3'"  C  N S 79  
DG "O3'"  O  N N 80  
DG "C2'"  C  N N 81  
DG "C1'"  C  N R 82  
DG N9     N  Y N 83  
DG C8     C  Y N 84  
DG N7     N  Y N 85  
DG C5     C  Y N 86  
DG C6     C  N N 87  
DG O6     O  N N 88  
DG N1     N  N N 89  
DG C2     C  N N 90  
DG N2     N  N N 91  
DG N3     N  N N 92  
DG C4     C  Y N 93  
DG HOP3   H  N N 94  
DG HOP2   H  N N 95  
DG "H5'"  H  N N 96  
DG "H5''" H  N N 97  
DG "H4'"  H  N N 98  
DG "H3'"  H  N N 99  
DG "HO3'" H  N N 100 
DG "H2'"  H  N N 101 
DG "H2''" H  N N 102 
DG "H1'"  H  N N 103 
DG H8     H  N N 104 
DG H1     H  N N 105 
DG H21    H  N N 106 
DG H22    H  N N 107 
DT OP3    O  N N 108 
DT P      P  N N 109 
DT OP1    O  N N 110 
DT OP2    O  N N 111 
DT "O5'"  O  N N 112 
DT "C5'"  C  N N 113 
DT "C4'"  C  N R 114 
DT "O4'"  O  N N 115 
DT "C3'"  C  N S 116 
DT "O3'"  O  N N 117 
DT "C2'"  C  N N 118 
DT "C1'"  C  N R 119 
DT N1     N  N N 120 
DT C2     C  N N 121 
DT O2     O  N N 122 
DT N3     N  N N 123 
DT C4     C  N N 124 
DT O4     O  N N 125 
DT C5     C  N N 126 
DT C7     C  N N 127 
DT C6     C  N N 128 
DT HOP3   H  N N 129 
DT HOP2   H  N N 130 
DT "H5'"  H  N N 131 
DT "H5''" H  N N 132 
DT "H4'"  H  N N 133 
DT "H3'"  H  N N 134 
DT "HO3'" H  N N 135 
DT "H2'"  H  N N 136 
DT "H2''" H  N N 137 
DT "H1'"  H  N N 138 
DT H3     H  N N 139 
DT H71    H  N N 140 
DT H72    H  N N 141 
DT H73    H  N N 142 
DT H6     H  N N 143 
SR SR     SR N N 144 
# 
loop_
_chem_comp_bond.comp_id 
_chem_comp_bond.atom_id_1 
_chem_comp_bond.atom_id_2 
_chem_comp_bond.value_order 
_chem_comp_bond.pdbx_aromatic_flag 
_chem_comp_bond.pdbx_stereo_config 
_chem_comp_bond.pdbx_ordinal 
DA OP3   P      sing N N 1   
DA OP3   HOP3   sing N N 2   
DA P     OP1    doub N N 3   
DA P     OP2    sing N N 4   
DA P     "O5'"  sing N N 5   
DA OP2   HOP2   sing N N 6   
DA "O5'" "C5'"  sing N N 7   
DA "C5'" "C4'"  sing N N 8   
DA "C5'" "H5'"  sing N N 9   
DA "C5'" "H5''" sing N N 10  
DA "C4'" "O4'"  sing N N 11  
DA "C4'" "C3'"  sing N N 12  
DA "C4'" "H4'"  sing N N 13  
DA "O4'" "C1'"  sing N N 14  
DA "C3'" "O3'"  sing N N 15  
DA "C3'" "C2'"  sing N N 16  
DA "C3'" "H3'"  sing N N 17  
DA "O3'" "HO3'" sing N N 18  
DA "C2'" "C1'"  sing N N 19  
DA "C2'" "H2'"  sing N N 20  
DA "C2'" "H2''" sing N N 21  
DA "C1'" N9     sing N N 22  
DA "C1'" "H1'"  sing N N 23  
DA N9    C8     sing Y N 24  
DA N9    C4     sing Y N 25  
DA C8    N7     doub Y N 26  
DA C8    H8     sing N N 27  
DA N7    C5     sing Y N 28  
DA C5    C6     sing Y N 29  
DA C5    C4     doub Y N 30  
DA C6    N6     sing N N 31  
DA C6    N1     doub Y N 32  
DA N6    H61    sing N N 33  
DA N6    H62    sing N N 34  
DA N1    C2     sing Y N 35  
DA C2    N3     doub Y N 36  
DA C2    H2     sing N N 37  
DA N3    C4     sing Y N 38  
DC OP3   P      sing N N 39  
DC OP3   HOP3   sing N N 40  
DC P     OP1    doub N N 41  
DC P     OP2    sing N N 42  
DC P     "O5'"  sing N N 43  
DC OP2   HOP2   sing N N 44  
DC "O5'" "C5'"  sing N N 45  
DC "C5'" "C4'"  sing N N 46  
DC "C5'" "H5'"  sing N N 47  
DC "C5'" "H5''" sing N N 48  
DC "C4'" "O4'"  sing N N 49  
DC "C4'" "C3'"  sing N N 50  
DC "C4'" "H4'"  sing N N 51  
DC "O4'" "C1'"  sing N N 52  
DC "C3'" "O3'"  sing N N 53  
DC "C3'" "C2'"  sing N N 54  
DC "C3'" "H3'"  sing N N 55  
DC "O3'" "HO3'" sing N N 56  
DC "C2'" "C1'"  sing N N 57  
DC "C2'" "H2'"  sing N N 58  
DC "C2'" "H2''" sing N N 59  
DC "C1'" N1     sing N N 60  
DC "C1'" "H1'"  sing N N 61  
DC N1    C2     sing N N 62  
DC N1    C6     sing N N 63  
DC C2    O2     doub N N 64  
DC C2    N3     sing N N 65  
DC N3    C4     doub N N 66  
DC C4    N4     sing N N 67  
DC C4    C5     sing N N 68  
DC N4    H41    sing N N 69  
DC N4    H42    sing N N 70  
DC C5    C6     doub N N 71  
DC C5    H5     sing N N 72  
DC C6    H6     sing N N 73  
DG OP3   P      sing N N 74  
DG OP3   HOP3   sing N N 75  
DG P     OP1    doub N N 76  
DG P     OP2    sing N N 77  
DG P     "O5'"  sing N N 78  
DG OP2   HOP2   sing N N 79  
DG "O5'" "C5'"  sing N N 80  
DG "C5'" "C4'"  sing N N 81  
DG "C5'" "H5'"  sing N N 82  
DG "C5'" "H5''" sing N N 83  
DG "C4'" "O4'"  sing N N 84  
DG "C4'" "C3'"  sing N N 85  
DG "C4'" "H4'"  sing N N 86  
DG "O4'" "C1'"  sing N N 87  
DG "C3'" "O3'"  sing N N 88  
DG "C3'" "C2'"  sing N N 89  
DG "C3'" "H3'"  sing N N 90  
DG "O3'" "HO3'" sing N N 91  
DG "C2'" "C1'"  sing N N 92  
DG "C2'" "H2'"  sing N N 93  
DG "C2'" "H2''" sing N N 94  
DG "C1'" N9     sing N N 95  
DG "C1'" "H1'"  sing N N 96  
DG N9    C8     sing Y N 97  
DG N9    C4     sing Y N 98  
DG C8    N7     doub Y N 99  
DG C8    H8     sing N N 100 
DG N7    C5     sing Y N 101 
DG C5    C6     sing N N 102 
DG C5    C4     doub Y N 103 
DG C6    O6     doub N N 104 
DG C6    N1     sing N N 105 
DG N1    C2     sing N N 106 
DG N1    H1     sing N N 107 
DG C2    N2     sing N N 108 
DG C2    N3     doub N N 109 
DG N2    H21    sing N N 110 
DG N2    H22    sing N N 111 
DG N3    C4     sing N N 112 
DT OP3   P      sing N N 113 
DT OP3   HOP3   sing N N 114 
DT P     OP1    doub N N 115 
DT P     OP2    sing N N 116 
DT P     "O5'"  sing N N 117 
DT OP2   HOP2   sing N N 118 
DT "O5'" "C5'"  sing N N 119 
DT "C5'" "C4'"  sing N N 120 
DT "C5'" "H5'"  sing N N 121 
DT "C5'" "H5''" sing N N 122 
DT "C4'" "O4'"  sing N N 123 
DT "C4'" "C3'"  sing N N 124 
DT "C4'" "H4'"  sing N N 125 
DT "O4'" "C1'"  sing N N 126 
DT "C3'" "O3'"  sing N N 127 
DT "C3'" "C2'"  sing N N 128 
DT "C3'" "H3'"  sing N N 129 
DT "O3'" "HO3'" sing N N 130 
DT "C2'" "C1'"  sing N N 131 
DT "C2'" "H2'"  sing N N 132 
DT "C2'" "H2''" sing N N 133 
DT "C1'" N1     sing N N 134 
DT "C1'" "H1'"  sing N N 135 
DT N1    C2     sing N N 136 
DT N1    C6     sing N N 137 
DT C2    O2     doub N N 138 
DT C2    N3     sing N N 139 
DT N3    C4     sing N N 140 
DT N3    H3     sing N N 141 
DT C4    O4     doub N N 142 
DT C4    C5     sing N N 143 
DT C5    C7     sing N N 144 
DT C5    C6     doub N N 145 
DT C7    H71    sing N N 146 
DT C7    H72    sing N N 147 
DT C7    H73    sing N N 148 
DT C6    H6     sing N N 149 
# 
loop_
_ndb_struct_conf_na.entry_id 
_ndb_struct_conf_na.feature 
7Z7M 'a-form double helix'  
7Z7M 'mismatched base pair' 
# 
loop_
_ndb_struct_na_base_pair.model_number 
_ndb_struct_na_base_pair.i_label_asym_id 
_ndb_struct_na_base_pair.i_label_comp_id 
_ndb_struct_na_base_pair.i_label_seq_id 
_ndb_struct_na_base_pair.i_symmetry 
_ndb_struct_na_base_pair.j_label_asym_id 
_ndb_struct_na_base_pair.j_label_comp_id 
_ndb_struct_na_base_pair.j_label_seq_id 
_ndb_struct_na_base_pair.j_symmetry 
_ndb_struct_na_base_pair.shear 
_ndb_struct_na_base_pair.stretch 
_ndb_struct_na_base_pair.stagger 
_ndb_struct_na_base_pair.buckle 
_ndb_struct_na_base_pair.propeller 
_ndb_struct_na_base_pair.opening 
_ndb_struct_na_base_pair.pair_number 
_ndb_struct_na_base_pair.pair_name 
_ndb_struct_na_base_pair.i_auth_asym_id 
_ndb_struct_na_base_pair.i_auth_seq_id 
_ndb_struct_na_base_pair.i_PDB_ins_code 
_ndb_struct_na_base_pair.j_auth_asym_id 
_ndb_struct_na_base_pair.j_auth_seq_id 
_ndb_struct_na_base_pair.j_PDB_ins_code 
_ndb_struct_na_base_pair.hbond_type_28 
_ndb_struct_na_base_pair.hbond_type_12 
1 A DG 1 1_555 A DC 18 7_465 0.012  -0.371 -0.072 -9.325 -3.864  -7.347 1  A_DG1:DC18_A A 1 ? A 18 ? 19 1 
1 A DG 2 1_555 A DC 17 7_465 -0.036 -0.352 0.426  2.180  -14.018 -0.998 2  A_DG2:DC17_A A 2 ? A 17 ? 19 1 
1 A DT 3 1_555 A DA 16 7_465 0.184  -0.365 0.577  -2.599 -12.925 1.186  3  A_DT3:DA16_A A 3 ? A 16 ? 20 1 
1 A DG 4 1_555 A DC 15 7_465 0.302  -0.144 0.937  12.724 -8.084  3.029  4  A_DG4:DC15_A A 4 ? A 15 ? 19 1 
1 A DG 5 1_555 A DC 14 7_465 0.069  -0.428 0.945  10.008 -7.705  -0.561 5  A_DG5:DC14_A A 5 ? A 14 ? 19 1 
1 A DG 6 1_555 A DC 13 7_465 -0.045 -0.119 0.159  -7.470 -10.471 -0.508 6  A_DG6:DC13_A A 6 ? A 13 ? 19 1 
1 A DG 7 1_555 A DC 12 7_465 -0.296 -0.010 0.130  -8.943 -15.396 -6.878 7  A_DG7:DC12_A A 7 ? A 12 ? 19 1 
1 A DC 8 1_555 A DG 11 7_465 -0.425 0.217  0.834  2.786  -21.556 15.679 8  A_DC8:DG11_A A 8 ? A 11 ? ?  1 
1 A DG 1 7_465 A DC 18 1_555 0.012  -0.371 -0.072 -9.325 -3.864  -7.347 9  A_DG1:DC18_A A 1 ? A 18 ? 19 1 
1 A DG 2 7_465 A DC 17 1_555 -0.036 -0.352 0.426  2.180  -14.018 -0.998 10 A_DG2:DC17_A A 2 ? A 17 ? 19 1 
1 A DT 3 7_465 A DA 16 1_555 0.184  -0.365 0.577  -2.599 -12.925 1.186  11 A_DT3:DA16_A A 3 ? A 16 ? 20 1 
1 A DG 4 7_465 A DC 15 1_555 0.302  -0.144 0.937  12.724 -8.084  3.029  12 A_DG4:DC15_A A 4 ? A 15 ? 19 1 
1 A DG 5 7_465 A DC 14 1_555 0.069  -0.428 0.945  10.008 -7.705  -0.561 13 A_DG5:DC14_A A 5 ? A 14 ? 19 1 
1 A DG 6 7_465 A DC 13 1_555 -0.045 -0.119 0.159  -7.470 -10.471 -0.508 14 A_DG6:DC13_A A 6 ? A 13 ? 19 1 
1 A DG 7 7_465 A DC 12 1_555 -0.296 -0.010 0.130  -8.943 -15.396 -6.878 15 A_DG7:DC12_A A 7 ? A 12 ? 19 1 
1 A DC 8 7_465 A DG 11 1_555 -0.425 0.217  0.834  2.786  -21.556 15.679 16 A_DC8:DG11_A A 8 ? A 11 ? ?  1 
# 
loop_
_ndb_struct_na_base_pair_step.model_number 
_ndb_struct_na_base_pair_step.i_label_asym_id_1 
_ndb_struct_na_base_pair_step.i_label_comp_id_1 
_ndb_struct_na_base_pair_step.i_label_seq_id_1 
_ndb_struct_na_base_pair_step.i_symmetry_1 
_ndb_struct_na_base_pair_step.j_label_asym_id_1 
_ndb_struct_na_base_pair_step.j_label_comp_id_1 
_ndb_struct_na_base_pair_step.j_label_seq_id_1 
_ndb_struct_na_base_pair_step.j_symmetry_1 
_ndb_struct_na_base_pair_step.i_label_asym_id_2 
_ndb_struct_na_base_pair_step.i_label_comp_id_2 
_ndb_struct_na_base_pair_step.i_label_seq_id_2 
_ndb_struct_na_base_pair_step.i_symmetry_2 
_ndb_struct_na_base_pair_step.j_label_asym_id_2 
_ndb_struct_na_base_pair_step.j_label_comp_id_2 
_ndb_struct_na_base_pair_step.j_label_seq_id_2 
_ndb_struct_na_base_pair_step.j_symmetry_2 
_ndb_struct_na_base_pair_step.shift 
_ndb_struct_na_base_pair_step.slide 
_ndb_struct_na_base_pair_step.rise 
_ndb_struct_na_base_pair_step.tilt 
_ndb_struct_na_base_pair_step.roll 
_ndb_struct_na_base_pair_step.twist 
_ndb_struct_na_base_pair_step.x_displacement 
_ndb_struct_na_base_pair_step.y_displacement 
_ndb_struct_na_base_pair_step.helical_rise 
_ndb_struct_na_base_pair_step.inclination 
_ndb_struct_na_base_pair_step.tip 
_ndb_struct_na_base_pair_step.helical_twist 
_ndb_struct_na_base_pair_step.step_number 
_ndb_struct_na_base_pair_step.step_name 
_ndb_struct_na_base_pair_step.i_auth_asym_id_1 
_ndb_struct_na_base_pair_step.i_auth_seq_id_1 
_ndb_struct_na_base_pair_step.i_PDB_ins_code_1 
_ndb_struct_na_base_pair_step.j_auth_asym_id_1 
_ndb_struct_na_base_pair_step.j_auth_seq_id_1 
_ndb_struct_na_base_pair_step.j_PDB_ins_code_1 
_ndb_struct_na_base_pair_step.i_auth_asym_id_2 
_ndb_struct_na_base_pair_step.i_auth_seq_id_2 
_ndb_struct_na_base_pair_step.i_PDB_ins_code_2 
_ndb_struct_na_base_pair_step.j_auth_asym_id_2 
_ndb_struct_na_base_pair_step.j_auth_seq_id_2 
_ndb_struct_na_base_pair_step.j_PDB_ins_code_2 
1 A DG 1 1_555 A DC 18 7_465 A DG 2 1_555 A DC 17 7_465 0.444  -1.228 3.013 -3.254 4.612  31.614 -2.956 -1.321 2.752 8.382  5.914 
32.101 1  AA_DG1DG2:DC17DC18_AA A 1 ? A 18 ? A 2 ? A 17 ? 
1 A DG 2 1_555 A DC 17 7_465 A DT 3 1_555 A DA 16 7_465 0.490  -1.444 3.387 0.561  -0.512 35.887 -2.266 -0.712 3.413 -0.831 -0.910 
35.895 2  AA_DG2DT3:DA16DC17_AA A 2 ? A 17 ? A 3 ? A 16 ? 
1 A DT 3 1_555 A DA 16 7_465 A DG 4 1_555 A DC 15 7_465 -0.047 -1.827 2.560 -0.926 11.936 24.973 -5.737 -0.050 1.541 25.794 2.002 
27.653 3  AA_DT3DG4:DC15DA16_AA A 3 ? A 16 ? A 4 ? A 15 ? 
1 A DG 4 1_555 A DC 15 7_465 A DG 5 1_555 A DC 14 7_465 -0.913 -1.403 3.125 -5.699 3.857  35.116 -2.816 0.702  3.065 6.317  9.335 
35.763 4  AA_DG4DG5:DC14DC15_AA A 4 ? A 15 ? A 5 ? A 14 ? 
1 A DG 5 1_555 A DC 14 7_465 A DG 6 1_555 A DC 13 7_465 0.318  -2.088 3.445 6.722  6.411  34.558 -4.333 0.459  3.029 10.558 
-11.069 35.747 5  AA_DG5DG6:DC13DC14_AA A 5 ? A 14 ? A 6 ? A 13 ? 
1 A DG 6 1_555 A DC 13 7_465 A DG 7 1_555 A DC 12 7_465 0.219  -2.356 3.146 3.917  4.992  27.535 -5.877 0.375  2.690 10.315 -8.094 
28.243 6  AA_DG6DG7:DC12DC13_AA A 6 ? A 13 ? A 7 ? A 12 ? 
1 A DG 7 1_555 A DC 12 7_465 A DC 8 1_555 A DG 11 7_465 0.438  -0.780 3.005 -2.901 3.616  26.927 -2.458 -1.574 2.816 7.693  6.173 
27.316 7  AA_DG7DC8:DG11DC12_AA A 7 ? A 12 ? A 8 ? A 11 ? 
1 A DG 1 7_465 A DC 18 1_555 A DG 2 7_465 A DC 17 1_555 0.444  -1.228 3.013 -3.254 4.612  31.614 -2.956 -1.321 2.752 8.382  5.914 
32.101 8  AA_DG1DG2:DC17DC18_AA A 1 ? A 18 ? A 2 ? A 17 ? 
1 A DG 2 7_465 A DC 17 1_555 A DT 3 7_465 A DA 16 1_555 0.490  -1.444 3.387 0.561  -0.512 35.887 -2.266 -0.712 3.413 -0.831 -0.910 
35.895 9  AA_DG2DT3:DA16DC17_AA A 2 ? A 17 ? A 3 ? A 16 ? 
1 A DT 3 7_465 A DA 16 1_555 A DG 4 7_465 A DC 15 1_555 -0.047 -1.827 2.560 -0.926 11.936 24.973 -5.737 -0.050 1.541 25.794 2.002 
27.653 10 AA_DT3DG4:DC15DA16_AA A 3 ? A 16 ? A 4 ? A 15 ? 
1 A DG 4 7_465 A DC 15 1_555 A DG 5 7_465 A DC 14 1_555 -0.913 -1.403 3.125 -5.699 3.857  35.116 -2.816 0.702  3.065 6.317  9.335 
35.763 11 AA_DG4DG5:DC14DC15_AA A 4 ? A 15 ? A 5 ? A 14 ? 
1 A DG 5 7_465 A DC 14 1_555 A DG 6 7_465 A DC 13 1_555 0.318  -2.088 3.445 6.722  6.411  34.558 -4.333 0.459  3.029 10.558 
-11.069 35.747 12 AA_DG5DG6:DC13DC14_AA A 5 ? A 14 ? A 6 ? A 13 ? 
1 A DG 6 7_465 A DC 13 1_555 A DG 7 7_465 A DC 12 1_555 0.219  -2.356 3.146 3.917  4.992  27.535 -5.877 0.375  2.690 10.315 -8.094 
28.243 13 AA_DG6DG7:DC12DC13_AA A 6 ? A 13 ? A 7 ? A 12 ? 
1 A DG 7 7_465 A DC 12 1_555 A DC 8 7_465 A DG 11 1_555 0.438  -0.780 3.005 -2.901 3.616  26.927 -2.458 -1.574 2.816 7.693  6.173 
27.316 14 AA_DG7DC8:DG11DC12_AA A 7 ? A 12 ? A 8 ? A 11 ? 
# 
loop_
_pdbx_audit_support.funding_organization 
_pdbx_audit_support.country 
_pdbx_audit_support.grant_number 
_pdbx_audit_support.ordinal 
'Ministry of Education, Youth and Sports of the Czech Republic' 'Czech Republic' LTAUSA18197    1 
'Czech Academy of Sciences'                                     'Czech Republic' 'RVO 86652036' 2 
# 
_pdbx_initial_refinement_model.id               1 
_pdbx_initial_refinement_model.entity_id_list   ? 
_pdbx_initial_refinement_model.type             'experimental model' 
_pdbx_initial_refinement_model.source_name      PDB 
_pdbx_initial_refinement_model.accession_code   6ROS 
_pdbx_initial_refinement_model.details          ? 
# 
_space_group.name_H-M_alt     'P 43 21 2' 
_space_group.name_Hall        'P 4nw 2abw' 
_space_group.IT_number        96 
_space_group.crystal_system   tetragonal 
_space_group.id               1 
# 
_atom_sites.entry_id                    7Z7M 
_atom_sites.Cartn_transf_matrix[1][1]   ? 
_atom_sites.Cartn_transf_matrix[1][2]   ? 
_atom_sites.Cartn_transf_matrix[1][3]   ? 
_atom_sites.Cartn_transf_matrix[2][1]   ? 
_atom_sites.Cartn_transf_matrix[2][2]   ? 
_atom_sites.Cartn_transf_matrix[2][3]   ? 
_atom_sites.Cartn_transf_matrix[3][1]   ? 
_atom_sites.Cartn_transf_matrix[3][2]   ? 
_atom_sites.Cartn_transf_matrix[3][3]   ? 
_atom_sites.Cartn_transf_vector[1]      ? 
_atom_sites.Cartn_transf_vector[2]      ? 
_atom_sites.Cartn_transf_vector[3]      ? 
_atom_sites.fract_transf_matrix[1][1]   -0.00053025 
_atom_sites.fract_transf_matrix[1][2]   -0.02537282 
_atom_sites.fract_transf_matrix[1][3]   -0.00672395 
_atom_sites.fract_transf_matrix[2][1]   0.00528388 
_atom_sites.fract_transf_matrix[2][2]   -0.00669082 
_atom_sites.fract_transf_matrix[2][3]   0.02483115 
_atom_sites.fract_transf_matrix[3][1]   -0.01120255 
_atom_sites.fract_transf_matrix[3][2]   -0.00037111 
_atom_sites.fract_transf_matrix[3][3]   0.00228382 
_atom_sites.fract_transf_vector[1]      -0.559604 
_atom_sites.fract_transf_vector[2]      0.444921 
_atom_sites.fract_transf_vector[3]      0.017882 
_atom_sites.solution_primary            ? 
_atom_sites.solution_secondary          ? 
_atom_sites.solution_hydrogens          ? 
_atom_sites.special_details             ? 
# 
loop_
_atom_type.symbol 
_atom_type.scat_dispersion_real 
_atom_type.scat_dispersion_imag 
_atom_type.scat_Cromer_Mann_a1 
_atom_type.scat_Cromer_Mann_a2 
_atom_type.scat_Cromer_Mann_a3 
_atom_type.scat_Cromer_Mann_a4 
_atom_type.scat_Cromer_Mann_b1 
_atom_type.scat_Cromer_Mann_b2 
_atom_type.scat_Cromer_Mann_b3 
_atom_type.scat_Cromer_Mann_b4 
_atom_type.scat_Cromer_Mann_c 
_atom_type.scat_source 
_atom_type.scat_dispersion_source 
C  ? ? 3.54356  2.42580 ? ? 25.62398 1.50364  ? ? 0.0 
;2-Gaussian fit: Grosse-Kunstleve RW, Sauter NK, Adams PD: Newsletter of the IUCr Commission on Crystallographic Computing 2004, 3, 22-31.
;
? 
N  ? ? 4.01032  2.96436 ? ? 19.97189 1.75589  ? ? 0.0 
;2-Gaussian fit: Grosse-Kunstleve RW, Sauter NK, Adams PD: Newsletter of the IUCr Commission on Crystallographic Computing 2004, 3, 22-31.
;
? 
O  ? ? 4.49882  3.47563 ? ? 15.80542 1.70748  ? ? 0.0 
;2-Gaussian fit: Grosse-Kunstleve RW, Sauter NK, Adams PD: Newsletter of the IUCr Commission on Crystallographic Computing 2004, 3, 22-31.
;
? 
P  ? ? 9.51135  5.44231 ? ? 1.42069  35.72801 ? ? 0.0 
;2-Gaussian fit: Grosse-Kunstleve RW, Sauter NK, Adams PD: Newsletter of the IUCr Commission on Crystallographic Computing 2004, 3, 22-31.
;
? 
SR ? ? 32.18652 5.63919 ? ? 2.35430  57.90393 ? ? 0.0 
;2-Gaussian fit: Grosse-Kunstleve RW, Sauter NK, Adams PD: Newsletter of the IUCr Commission on Crystallographic Computing 2004, 3, 22-31.
;
? 
# 
loop_
_atom_site.group_PDB 
_atom_site.id 
_atom_site.type_symbol 
_atom_site.label_atom_id 
_atom_site.label_alt_id 
_atom_site.label_comp_id 
_atom_site.label_asym_id 
_atom_site.label_entity_id 
_atom_site.label_seq_id 
_atom_site.pdbx_PDB_ins_code 
_atom_site.Cartn_x 
_atom_site.Cartn_y 
_atom_site.Cartn_z 
_atom_site.occupancy 
_atom_site.B_iso_or_equiv 
_atom_site.pdbx_formal_charge 
_atom_site.auth_seq_id 
_atom_site.auth_comp_id 
_atom_site.auth_asym_id 
_atom_site.auth_atom_id 
_atom_site.pdbx_PDB_model_num 
ATOM   1   O  "O5'" . DG A 1 1  ? 9.72428   -2.58548  -22.39008 1.000 51.96394  ? 1   DG A "O5'" 1 
ATOM   2   C  "C5'" . DG A 1 1  ? 8.59155   -2.50129  -23.23974 1.000 47.06140  ? 1   DG A "C5'" 1 
ATOM   3   C  "C4'" . DG A 1 1  ? 7.92766   -3.85146  -23.40383 1.000 45.94518  ? 1   DG A "C4'" 1 
ATOM   4   O  "O4'" . DG A 1 1  ? 8.91210   -4.86372  -23.70335 1.000 48.90056  ? 1   DG A "O4'" 1 
ATOM   5   C  "C3'" . DG A 1 1  ? 7.23562   -4.37003  -22.17247 1.000 49.74283  ? 1   DG A "C3'" 1 
ATOM   6   O  "O3'" . DG A 1 1  ? 5.96573   -3.82675  -22.09731 1.000 54.27711  ? 1   DG A "O3'" 1 
ATOM   7   C  "C2'" . DG A 1 1  ? 7.16694   -5.86633  -22.44832 1.000 48.57494  ? 1   DG A "C2'" 1 
ATOM   8   C  "C1'" . DG A 1 1  ? 8.49812   -6.10817  -23.13756 1.000 51.68264  ? 1   DG A "C1'" 1 
ATOM   9   N  N9    . DG A 1 1  ? 9.53272   -6.55457  -22.22607 1.000 52.64003  ? 1   DG A N9    1 
ATOM   10  C  C8    . DG A 1 1  ? 10.58617  -5.81126  -21.76067 1.000 51.96643  ? 1   DG A C8    1 
ATOM   11  N  N7    . DG A 1 1  ? 11.37216  -6.46784  -20.95979 1.000 52.47921  ? 1   DG A N7    1 
ATOM   12  C  C5    . DG A 1 1  ? 10.80324  -7.72355  -20.88986 1.000 51.80466  ? 1   DG A C5    1 
ATOM   13  C  C6    . DG A 1 1  ? 11.22696  -8.85151  -20.17563 1.000 51.53344  ? 1   DG A C6    1 
ATOM   14  O  O6    . DG A 1 1  ? 12.22135  -8.95294  -19.44112 1.000 49.59447  ? 1   DG A O6    1 
ATOM   15  N  N1    . DG A 1 1  ? 10.36945  -9.93754  -20.37501 1.000 52.80718  ? 1   DG A N1    1 
ATOM   16  C  C2    . DG A 1 1  ? 9.24609   -9.91226  -21.17769 1.000 51.73218  ? 1   DG A C2    1 
ATOM   17  N  N2    . DG A 1 1  ? 8.54946   -11.04992 -21.25587 1.000 51.24043  ? 1   DG A N2    1 
ATOM   18  N  N3    . DG A 1 1  ? 8.84158   -8.84751  -21.85845 1.000 46.95722  ? 1   DG A N3    1 
ATOM   19  C  C4    . DG A 1 1  ? 9.66484   -7.79610  -21.66477 1.000 49.36911  ? 1   DG A C4    1 
ATOM   20  P  P     . DG A 1 2  ? 5.31848   -3.56079  -20.66147 1.000 51.70111  ? 2   DG A P     1 
ATOM   21  O  OP1   . DG A 1 2  ? 4.03564   -2.84460  -20.85016 1.000 50.47639  ? 2   DG A OP1   1 
ATOM   22  O  OP2   . DG A 1 2  ? 6.43509   -2.93174  -19.91069 1.000 49.07070  ? 2   DG A OP2   1 
ATOM   23  O  "O5'" . DG A 1 2  ? 4.99459   -5.03011  -20.10958 1.000 47.10122  ? 2   DG A "O5'" 1 
ATOM   24  C  "C5'" . DG A 1 2  ? 3.84050   -5.69295  -20.55004 1.000 46.98364  ? 2   DG A "C5'" 1 
ATOM   25  C  "C4'" . DG A 1 2  ? 3.92367   -7.17588  -20.27583 1.000 49.51577  ? 2   DG A "C4'" 1 
ATOM   26  O  "O4'" . DG A 1 2  ? 5.22746   -7.66384  -20.64353 1.000 55.20274  ? 2   DG A "O4'" 1 
ATOM   27  C  "C3'" . DG A 1 2  ? 3.77902   -7.57124  -18.82577 1.000 51.44177  ? 2   DG A "C3'" 1 
ATOM   28  O  "O3'" . DG A 1 2  ? 2.41944   -7.64742  -18.49726 1.000 52.84825  ? 2   DG A "O3'" 1 
ATOM   29  C  "C2'" . DG A 1 2  ? 4.42621   -8.95145  -18.83225 1.000 51.45757  ? 2   DG A "C2'" 1 
ATOM   30  C  "C1'" . DG A 1 2  ? 5.60761   -8.72096  -19.76235 1.000 52.76391  ? 2   DG A "C1'" 1 
ATOM   31  N  N9    . DG A 1 2  ? 6.83259   -8.32720  -19.06051 1.000 50.44470  ? 2   DG A N9    1 
ATOM   32  C  C8    . DG A 1 2  ? 7.39549   -7.07813  -19.02212 1.000 50.62931  ? 2   DG A C8    1 
ATOM   33  N  N7    . DG A 1 2  ? 8.48962   -7.02763  -18.32469 1.000 51.11132  ? 2   DG A N7    1 
ATOM   34  C  C5    . DG A 1 2  ? 8.65931   -8.32273  -17.86417 1.000 49.95946  ? 2   DG A C5    1 
ATOM   35  C  C6    . DG A 1 2  ? 9.67099   -8.86832  -17.05084 1.000 50.30567  ? 2   DG A C6    1 
ATOM   36  O  O6    . DG A 1 2  ? 10.64831  -8.28965  -16.55638 1.000 50.55815  ? 2   DG A O6    1 
ATOM   37  N  N1    . DG A 1 2  ? 9.47684   -10.22634 -16.82713 1.000 49.88347  ? 2   DG A N1    1 
ATOM   38  C  C2    . DG A 1 2  ? 8.43302   -10.95928 -17.32397 1.000 52.10184  ? 2   DG A C2    1 
ATOM   39  N  N2    . DG A 1 2  ? 8.40682   -12.25977 -17.00072 1.000 53.91238  ? 2   DG A N2    1 
ATOM   40  N  N3    . DG A 1 2  ? 7.47328   -10.45549 -18.08231 1.000 55.38601  ? 2   DG A N3    1 
ATOM   41  C  C4    . DG A 1 2  ? 7.65336   -9.13434  -18.31194 1.000 50.45091  ? 2   DG A C4    1 
ATOM   42  P  P     . DT A 1 3  ? 1.92872   -7.34509  -17.00050 1.000 52.24997  ? 3   DT A P     1 
ATOM   43  O  OP1   . DT A 1 3  ? 0.45364   -7.46182  -17.07472 1.000 56.76393  ? 3   DT A OP1   1 
ATOM   44  O  OP2   . DT A 1 3  ? 2.53413   -6.07491  -16.52564 1.000 47.89370  ? 3   DT A OP2   1 
ATOM   45  O  "O5'" . DT A 1 3  ? 2.52816   -8.56415  -16.15092 1.000 49.17768  ? 3   DT A "O5'" 1 
ATOM   46  C  "C5'" . DT A 1 3  ? 2.04175   -9.87539  -16.36604 1.000 46.38564  ? 3   DT A "C5'" 1 
ATOM   47  C  "C4'" . DT A 1 3  ? 2.94638   -10.91334 -15.72323 1.000 52.69363  ? 3   DT A "C4'" 1 
ATOM   48  O  "O4'" . DT A 1 3  ? 4.30639   -10.73145 -16.18414 1.000 52.59772  ? 3   DT A "O4'" 1 
ATOM   49  C  "C3'" . DT A 1 3  ? 3.04643   -10.84809 -14.20609 1.000 53.29897  ? 3   DT A "C3'" 1 
ATOM   50  O  "O3'" . DT A 1 3  ? 1.99091   -11.57184 -13.62035 1.000 50.79249  ? 3   DT A "O3'" 1 
ATOM   51  C  "C2'" . DT A 1 3  ? 4.38110   -11.54280 -13.95363 1.000 53.62549  ? 3   DT A "C2'" 1 
ATOM   52  C  "C1'" . DT A 1 3  ? 5.20489   -11.10051 -15.15627 1.000 50.27985  ? 3   DT A "C1'" 1 
ATOM   53  N  N1    . DT A 1 3  ? 6.06456   -9.96744  -14.87500 1.000 50.59074  ? 3   DT A N1    1 
ATOM   54  C  C2    . DT A 1 3  ? 7.19082   -10.18038 -14.14697 1.000 52.34522  ? 3   DT A C2    1 
ATOM   55  O  O2    . DT A 1 3  ? 7.48477   -11.27209 -13.71456 1.000 54.65106  ? 3   DT A O2    1 
ATOM   56  N  N3    . DT A 1 3  ? 7.97007   -9.06990  -13.94419 1.000 52.38855  ? 3   DT A N3    1 
ATOM   57  C  C4    . DT A 1 3  ? 7.72028   -7.78768  -14.39956 1.000 52.34144  ? 3   DT A C4    1 
ATOM   58  O  O4    . DT A 1 3  ? 8.47716   -6.84014  -14.16365 1.000 51.52730  ? 3   DT A O4    1 
ATOM   59  C  C5    . DT A 1 3  ? 6.50031   -7.63970  -15.16509 1.000 49.67226  ? 3   DT A C5    1 
ATOM   60  C  C7    . DT A 1 3  ? 6.11481   -6.30881  -15.70971 1.000 51.20761  ? 3   DT A C7    1 
ATOM   61  C  C6    . DT A 1 3  ? 5.74216   -8.72409  -15.36570 1.000 49.08036  ? 3   DT A C6    1 
ATOM   62  P  P     . DG A 1 4  ? 1.17315   -10.94967 -12.39170 1.000 61.64625  ? 4   DG A P     1 
ATOM   63  O  OP1   . DG A 1 4  ? -0.05802  -11.77527 -12.34009 1.000 46.11887  ? 4   DG A OP1   1 
ATOM   64  O  OP2   . DG A 1 4  ? 1.17154   -9.47040  -12.49526 1.000 54.89735  ? 4   DG A OP2   1 
ATOM   65  O  "O5'" . DG A 1 4  ? 2.11430   -11.19061 -11.11541 1.000 57.96360  ? 4   DG A "O5'" 1 
ATOM   66  C  "C5'" . DG A 1 4  ? 2.58479   -12.45582 -10.83983 1.000 50.12806  ? 4   DG A "C5'" 1 
ATOM   67  C  "C4'" . DG A 1 4  ? 3.82167   -12.37456 -10.00045 1.000 52.84579  ? 4   DG A "C4'" 1 
ATOM   68  O  "O4'" . DG A 1 4  ? 4.83308   -11.68260 -10.72975 1.000 57.34021  ? 4   DG A "O4'" 1 
ATOM   69  C  "C3'" . DG A 1 4  ? 3.71229   -11.59361 -8.68622  1.000 53.27434  ? 4   DG A "C3'" 1 
ATOM   70  O  "O3'" . DG A 1 4  ? 3.20750   -12.48594 -7.68492  1.000 58.20513  ? 4   DG A "O3'" 1 
ATOM   71  C  "C2'" . DG A 1 4  ? 5.14703   -11.21973 -8.40590  1.000 56.71496  ? 4   DG A "C2'" 1 
ATOM   72  C  "C1'" . DG A 1 4  ? 5.73818   -11.12404 -9.81159  1.000 56.56576  ? 4   DG A "C1'" 1 
ATOM   73  N  N9    . DG A 1 4  ? 6.26388   -9.84193  -10.24989 1.000 50.83123  ? 4   DG A N9    1 
ATOM   74  C  C8    . DG A 1 4  ? 5.69556   -8.92083  -11.07903 1.000 50.54276  ? 4   DG A C8    1 
ATOM   75  N  N7    . DG A 1 4  ? 6.47359   -7.89486  -11.31530 1.000 49.78236  ? 4   DG A N7    1 
ATOM   76  C  C5    . DG A 1 4  ? 7.63311   -8.18375  -10.61785 1.000 51.22259  ? 4   DG A C5    1 
ATOM   77  C  C6    . DG A 1 4  ? 8.84311   -7.45666  -10.49798 1.000 53.89038  ? 4   DG A C6    1 
ATOM   78  O  O6    . DG A 1 4  ? 9.14546   -6.35721  -11.00209 1.000 54.16915  ? 4   DG A O6    1 
ATOM   79  N  N1    . DG A 1 4  ? 9.76102   -8.13417  -9.69093  1.000 56.40532  ? 4   DG A N1    1 
ATOM   80  C  C2    . DG A 1 4  ? 9.53266   -9.35620  -9.08449  1.000 52.97650  ? 4   DG A C2    1 
ATOM   81  N  N2    . DG A 1 4  ? 10.52872  -9.85795  -8.34908  1.000 51.91948  ? 4   DG A N2    1 
ATOM   82  N  N3    . DG A 1 4  ? 8.41421   -10.03141 -9.19389  1.000 49.59456  ? 4   DG A N3    1 
ATOM   83  C  C4    . DG A 1 4  ? 7.51574   -9.38859  -9.97351  1.000 51.89712  ? 4   DG A C4    1 
ATOM   84  P  P     . DG A 1 5  ? 2.69184   -11.94500 -6.26990  1.000 62.54868  ? 5   DG A P     1 
ATOM   85  O  OP1   . DG A 1 5  ? 2.47841   -13.27322 -5.66360  1.000 62.50729  ? 5   DG A OP1   1 
ATOM   86  O  OP2   . DG A 1 5  ? 1.60063   -10.93759 -6.33910  1.000 62.39987  ? 5   DG A OP2   1 
ATOM   87  O  "O5'" . DG A 1 5  ? 3.98913   -11.42095 -5.50110  1.000 49.36230  ? 5   DG A "O5'" 1 
ATOM   88  C  "C5'" . DG A 1 5  ? 4.56471   -12.28114 -4.55918  1.000 45.17703  ? 5   DG A "C5'" 1 
ATOM   89  C  "C4'" . DG A 1 5  ? 5.91033   -11.80948 -4.03394  1.000 49.90320  ? 5   DG A "C4'" 1 
ATOM   90  O  "O4'" . DG A 1 5  ? 6.82316   -11.55689 -5.12237  1.000 52.19367  ? 5   DG A "O4'" 1 
ATOM   91  C  "C3'" . DG A 1 5  ? 5.91984   -10.52740 -3.22640  1.000 48.59123  ? 5   DG A "C3'" 1 
ATOM   92  O  "O3'" . DG A 1 5  ? 5.48794   -10.73639 -1.91007  1.000 49.57049  ? 5   DG A "O3'" 1 
ATOM   93  C  "C2'" . DG A 1 5  ? 7.40689   -10.20743 -3.26851  1.000 50.71678  ? 5   DG A "C2'" 1 
ATOM   94  C  "C1'" . DG A 1 5  ? 7.77055   -10.59182 -4.71148  1.000 53.38943  ? 5   DG A "C1'" 1 
ATOM   95  N  N9    . DG A 1 5  ? 7.69749   -9.46044  -5.60871  1.000 51.72195  ? 5   DG A N9    1 
ATOM   96  C  C8    . DG A 1 5  ? 6.69754   -9.17727  -6.48607  1.000 50.84382  ? 5   DG A C8    1 
ATOM   97  N  N7    . DG A 1 5  ? 6.88789   -8.08357  -7.15076  1.000 54.12665  ? 5   DG A N7    1 
ATOM   98  C  C5    . DG A 1 5  ? 8.09568   -7.60516  -6.67971  1.000 54.17180  ? 5   DG A C5    1 
ATOM   99  C  C6    . DG A 1 5  ? 8.81220   -6.44247  -7.03590  1.000 54.84517  ? 5   DG A C6    1 
ATOM   100 O  O6    . DG A 1 5  ? 8.49797   -5.58078  -7.85739  1.000 55.38427  ? 5   DG A O6    1 
ATOM   101 N  N1    . DG A 1 5  ? 10.00979  -6.32979  -6.32233  1.000 57.56994  ? 5   DG A N1    1 
ATOM   102 C  C2    . DG A 1 5  ? 10.44808  -7.23294  -5.37684  1.000 55.34510  ? 5   DG A C2    1 
ATOM   103 N  N2    . DG A 1 5  ? 11.62055  -6.95825  -4.79070  1.000 54.12408  ? 5   DG A N2    1 
ATOM   104 N  N3    . DG A 1 5  ? 9.77846   -8.33095  -5.03398  1.000 53.53738  ? 5   DG A N3    1 
ATOM   105 C  C4    . DG A 1 5  ? 8.61166   -8.44610  -5.72636  1.000 53.68180  ? 5   DG A C4    1 
ATOM   106 P  P     . DG A 1 6  ? 5.06318   -9.48079  -0.99368  1.000 49.90486  ? 6   DG A P     1 
ATOM   107 O  OP1   . DG A 1 6  ? 4.84300   -10.01600 0.36762   1.000 50.42843  ? 6   DG A OP1   1 
ATOM   108 O  OP2   . DG A 1 6  ? 4.00306   -8.71283  -1.68626  1.000 46.95210  ? 6   DG A OP2   1 
ATOM   109 O  "O5'" . DG A 1 6  ? 6.35823   -8.56006  -0.92581  1.000 45.12504  ? 6   DG A "O5'" 1 
ATOM   110 C  "C5'" . DG A 1 6  ? 7.35233   -8.85564  0.00408   1.000 50.96567  ? 6   DG A "C5'" 1 
ATOM   111 C  "C4'" . DG A 1 6  ? 8.51707   -7.90249  -0.11900  1.000 53.30690  ? 6   DG A "C4'" 1 
ATOM   112 O  "O4'" . DG A 1 6  ? 8.93909   -7.80759  -1.49635  1.000 52.18682  ? 6   DG A "O4'" 1 
ATOM   113 C  "C3'" . DG A 1 6  ? 8.20648   -6.48380  0.26293   1.000 55.68463  ? 6   DG A "C3'" 1 
ATOM   114 O  "O3'" . DG A 1 6  ? 8.25582   -6.35063  1.65796   1.000 59.27368  ? 6   DG A "O3'" 1 
ATOM   115 C  "C2'" . DG A 1 6  ? 9.34231   -5.73417  -0.41823  1.000 54.78831  ? 6   DG A "C2'" 1 
ATOM   116 C  "C1'" . DG A 1 6  ? 9.49173   -6.52040  -1.72469  1.000 53.39957  ? 6   DG A "C1'" 1 
ATOM   117 N  N9    . DG A 1 6  ? 8.78371   -5.91384  -2.84148  1.000 53.81217  ? 6   DG A N9    1 
ATOM   118 C  C8    . DG A 1 6  ? 7.63154   -6.36627  -3.42361  1.000 54.18716  ? 6   DG A C8    1 
ATOM   119 N  N7    . DG A 1 6  ? 7.22001   -5.61885  -4.40476  1.000 57.08630  ? 6   DG A N7    1 
ATOM   120 C  C5    . DG A 1 6  ? 8.15601   -4.59837  -4.47528  1.000 58.04101  ? 6   DG A C5    1 
ATOM   121 C  C6    . DG A 1 6  ? 8.23582   -3.49125  -5.35407  1.000 61.08813  ? 6   DG A C6    1 
ATOM   122 O  O6    . DG A 1 6  ? 7.46604   -3.17884  -6.26897  1.000 62.62076  ? 6   DG A O6    1 
ATOM   123 N  N1    . DG A 1 6  ? 9.35197   -2.70632  -5.09417  1.000 62.86800  ? 6   DG A N1    1 
ATOM   124 C  C2    . DG A 1 6  ? 10.27530  -2.95823  -4.11363  1.000 61.21373  ? 6   DG A C2    1 
ATOM   125 N  N2    . DG A 1 6  ? 11.28731  -2.08668  -4.01475  1.000 61.54642  ? 6   DG A N2    1 
ATOM   126 N  N3    . DG A 1 6  ? 10.21187  -3.99203  -3.28359  1.000 61.58743  ? 6   DG A N3    1 
ATOM   127 C  C4    . DG A 1 6  ? 9.12783   -4.76717  -3.52239  1.000 57.44768  ? 6   DG A C4    1 
ATOM   128 P  P     . DG A 1 7  ? 7.63865   -5.03972  2.34335   1.000 63.76806  ? 7   DG A P     1 
ATOM   129 O  OP1   . DG A 1 7  ? 7.37984   -5.31199  3.78408   1.000 61.16121  ? 7   DG A OP1   1 
ATOM   130 O  OP2   . DG A 1 7  ? 6.54698   -4.56813  1.46629   1.000 61.11735  ? 7   DG A OP2   1 
ATOM   131 O  "O5'" . DG A 1 7  ? 8.79046   -3.95339  2.17252   1.000 58.75515  ? 7   DG A "O5'" 1 
ATOM   132 C  "C5'" . DG A 1 7  ? 8.44675   -2.60192  2.21290   1.000 60.83793  ? 7   DG A "C5'" 1 
ATOM   133 C  "C4'" . DG A 1 7  ? 9.27543   -1.81117  1.23751   1.000 63.40575  ? 7   DG A "C4'" 1 
ATOM   134 O  "O4'" . DG A 1 7  ? 9.10564   -2.31424  -0.09539  1.000 62.36912  ? 7   DG A "O4'" 1 
ATOM   135 C  "C3'" . DG A 1 7  ? 8.86734   -0.37593  1.09206   1.000 66.75980  ? 7   DG A "C3'" 1 
ATOM   136 O  "O3'" . DG A 1 7  ? 9.28640   0.33881   2.20270   1.000 67.36049  ? 7   DG A "O3'" 1 
ATOM   137 C  "C2'" . DG A 1 7  ? 9.61720   0.01005   -0.17637  1.000 64.40137  ? 7   DG A "C2'" 1 
ATOM   138 C  "C1'" . DG A 1 7  ? 9.45839   -1.27066  -1.00293  1.000 63.02346  ? 7   DG A "C1'" 1 
ATOM   139 N  N9    . DG A 1 7  ? 8.43473   -1.18568  -2.03311  1.000 62.35905  ? 7   DG A N9    1 
ATOM   140 C  C8    . DG A 1 7  ? 7.34153   -2.00186  -2.18062  1.000 63.61214  ? 7   DG A C8    1 
ATOM   141 N  N7    . DG A 1 7  ? 6.59864   -1.69691  -3.20896  1.000 65.24688  ? 7   DG A N7    1 
ATOM   142 C  C5    . DG A 1 7  ? 7.24534   -0.61285  -3.78646  1.000 69.47815  ? 7   DG A C5    1 
ATOM   143 C  C6    . DG A 1 7  ? 6.91253   0.14176   -4.93807  1.000 71.23510  ? 7   DG A C6    1 
ATOM   144 O  O6    . DG A 1 7  ? 5.94240   -0.00027  -5.69596  1.000 74.87340  ? 7   DG A O6    1 
ATOM   145 N  N1    . DG A 1 7  ? 7.83929   1.14913   -5.17756  1.000 67.96276  ? 7   DG A N1    1 
ATOM   146 C  C2    . DG A 1 7  ? 8.94998   1.39857   -4.40305  1.000 70.61349  ? 7   DG A C2    1 
ATOM   147 N  N2    . DG A 1 7  ? 9.73074   2.41864   -4.79080  1.000 72.96732  ? 7   DG A N2    1 
ATOM   148 N  N3    . DG A 1 7  ? 9.27636   0.69934   -3.32166  1.000 69.89462  ? 7   DG A N3    1 
ATOM   149 C  C4    . DG A 1 7  ? 8.38056   -0.28749  -3.07374  1.000 68.46915  ? 7   DG A C4    1 
ATOM   150 P  P     . DC A 1 8  ? 8.18206   1.00523   3.14553   1.000 68.86367  ? 8   DC A P     1 
ATOM   151 O  OP1   . DC A 1 8  ? 8.70523   0.89966   4.52861   1.000 71.39040  ? 8   DC A OP1   1 
ATOM   152 O  OP2   . DC A 1 8  ? 6.85959   0.40730   2.84234   1.000 58.05869  ? 8   DC A OP2   1 
ATOM   153 O  "O5'" . DC A 1 8  ? 8.14717   2.51971   2.62200   1.000 69.49469  ? 8   DC A "O5'" 1 
ATOM   154 C  "C5'" . DC A 1 8  ? 9.33221   3.30468   2.63896   1.000 67.86702  ? 8   DC A "C5'" 1 
ATOM   155 C  "C4'" . DC A 1 8  ? 9.46539   4.13196   1.37108   1.000 70.25079  ? 8   DC A "C4'" 1 
ATOM   156 O  "O4'" . DC A 1 8  ? 9.38677   3.26906   0.21746   1.000 70.17256  ? 8   DC A "O4'" 1 
ATOM   157 C  "C3'" . DC A 1 8  ? 8.35891   5.13305   1.10824   1.000 75.99549  ? 8   DC A "C3'" 1 
ATOM   158 O  "O3'" . DC A 1 8  ? 8.50573   6.29016   1.87900   1.000 79.83243  ? 8   DC A "O3'" 1 
ATOM   159 C  "C2'" . DC A 1 8  ? 8.59401   5.41938   -0.35636  1.000 73.85168  ? 8   DC A "C2'" 1 
ATOM   160 C  "C1'" . DC A 1 8  ? 8.84063   4.01308   -0.86920  1.000 71.82725  ? 8   DC A "C1'" 1 
ATOM   161 N  N1    . DC A 1 8  ? 7.59848   3.34797   -1.36442  1.000 71.90578  ? 8   DC A N1    1 
ATOM   162 C  C2    . DC A 1 8  ? 7.06680   3.74577   -2.59163  1.000 75.31580  ? 8   DC A C2    1 
ATOM   163 O  O2    . DC A 1 8  ? 7.64010   4.64365   -3.23064  1.000 76.47738  ? 8   DC A O2    1 
ATOM   164 N  N3    . DC A 1 8  ? 5.94434   3.13557   -3.05574  1.000 72.55333  ? 8   DC A N3    1 
ATOM   165 C  C4    . DC A 1 8  ? 5.36847   2.17395   -2.34297  1.000 69.52139  ? 8   DC A C4    1 
ATOM   166 N  N4    . DC A 1 8  ? 4.27159   1.60901   -2.84026  1.000 69.78874  ? 8   DC A N4    1 
ATOM   167 C  C5    . DC A 1 8  ? 5.88831   1.75718   -1.08201  1.000 67.58285  ? 8   DC A C5    1 
ATOM   168 C  C6    . DC A 1 8  ? 6.99499   2.36510   -0.63284  1.000 69.60523  ? 8   DC A C6    1 
ATOM   169 P  P     . DC A 1 9  ? 7.19442   7.14210   2.24741   1.000 95.29798  ? 9   DC A P     1 
ATOM   170 O  OP1   . DC A 1 9  ? 7.60460   8.12434   3.28110   1.000 91.83980  ? 9   DC A OP1   1 
ATOM   171 O  OP2   . DC A 1 9  ? 6.08948   6.18404   2.51629   1.000 81.06100  ? 9   DC A OP2   1 
ATOM   172 O  "O5'" . DC A 1 9  ? 6.79146   7.86583   0.87029   1.000 85.88137  ? 9   DC A "O5'" 1 
ATOM   173 C  "C5'" . DC A 1 9  ? 7.72518   8.66639   0.16947   1.000 79.71790  ? 9   DC A "C5'" 1 
ATOM   174 C  "C4'" . DC A 1 9  ? 7.12585   9.11751   -1.14348  1.000 83.06035  ? 9   DC A "C4'" 1 
ATOM   175 O  "O4'" . DC A 1 9  ? 6.94804   7.98306   -2.01423  1.000 81.16240  ? 9   DC A "O4'" 1 
ATOM   176 C  "C3'" . DC A 1 9  ? 5.73701   9.70866   -1.03156  1.000 86.66788  ? 9   DC A "C3'" 1 
ATOM   177 O  "O3'" . DC A 1 9  ? 5.82298   11.06144  -0.67025  1.000 94.46511  ? 9   DC A "O3'" 1 
ATOM   178 C  "C2'" . DC A 1 9  ? 5.21558   9.54544   -2.45191  1.000 84.07976  ? 9   DC A "C2'" 1 
ATOM   179 C  "C1'" . DC A 1 9  ? 5.80686   8.19554   -2.84106  1.000 82.99777  ? 9   DC A "C1'" 1 
ATOM   180 N  N1    . DC A 1 9  ? 4.85775   7.05884   -2.65730  1.000 82.87270  ? 9   DC A N1    1 
ATOM   181 C  C2    . DC A 1 9  ? 4.05346   6.64780   -3.73219  1.000 83.73262  ? 9   DC A C2    1 
ATOM   182 O  O2    . DC A 1 9  ? 4.14794   7.24199   -4.81691  1.000 83.79762  ? 9   DC A O2    1 
ATOM   183 N  N3    . DC A 1 9  ? 3.19578   5.60514   -3.55146  1.000 82.44039  ? 9   DC A N3    1 
ATOM   184 C  C4    . DC A 1 9  ? 3.12708   4.99698   -2.35788  1.000 83.41094  ? 9   DC A C4    1 
ATOM   185 N  N4    . DC A 1 9  ? 2.27302   3.97781   -2.21812  1.000 79.20543  ? 9   DC A N4    1 
ATOM   186 C  C5    . DC A 1 9  ? 3.93624   5.40775   -1.25352  1.000 82.01953  ? 9   DC A C5    1 
ATOM   187 C  C6    . DC A 1 9  ? 4.77844   6.42903   -1.44634  1.000 81.51223  ? 9   DC A C6    1 
ATOM   188 P  P     . DC A 1 10 ? 4.69369   11.71508  0.26039   1.000 94.78882  ? 10  DC A P     1 
ATOM   189 O  OP1   . DC A 1 10 ? 5.14798   13.08898  0.57421   1.000 97.05639  ? 10  DC A OP1   1 
ATOM   190 O  OP2   . DC A 1 10 ? 4.41862   10.76124  1.36022   1.000 89.47528  ? 10  DC A OP2   1 
ATOM   191 O  "O5'" . DC A 1 10 ? 3.41429   11.79335  -0.69506  1.000 87.30478  ? 10  DC A "O5'" 1 
ATOM   192 C  "C5'" . DC A 1 10 ? 3.46893   12.53804  -1.90248  1.000 87.75405  ? 10  DC A "C5'" 1 
ATOM   193 C  "C4'" . DC A 1 10 ? 2.20642   12.31883  -2.71724  1.000 95.01280  ? 10  DC A "C4'" 1 
ATOM   194 O  "O4'" . DC A 1 10 ? 2.20686   10.96948  -3.26170  1.000 96.48288  ? 10  DC A "O4'" 1 
ATOM   195 C  "C3'" . DC A 1 10 ? 0.90272   12.42168  -1.93134  1.000 95.13427  ? 10  DC A "C3'" 1 
ATOM   196 O  "O3'" . DC A 1 10 ? 0.46790   13.78240  -1.85643  1.000 97.16769  ? 10  DC A "O3'" 1 
ATOM   197 C  "C2'" . DC A 1 10 ? -0.04128  11.56262  -2.77672  1.000 93.55618  ? 10  DC A "C2'" 1 
ATOM   198 C  "C1'" . DC A 1 10 ? 0.88808   10.42397  -3.20761  1.000 95.35593  ? 10  DC A "C1'" 1 
ATOM   199 N  N1    . DC A 1 10 ? 0.88822   9.24418   -2.25894  1.000 92.05199  ? 10  DC A N1    1 
ATOM   200 C  C2    . DC A 1 10 ? -0.01985  8.19270   -2.45172  1.000 89.96164  ? 10  DC A C2    1 
ATOM   201 O  O2    . DC A 1 10 ? -0.81837  8.24930   -3.40270  1.000 89.52083  ? 10  DC A O2    1 
ATOM   202 N  N3    . DC A 1 10 ? 0.00362   7.13823   -1.58153  1.000 90.49916  ? 10  DC A N3    1 
ATOM   203 C  C4    . DC A 1 10 ? 0.88664   7.12279   -0.56351  1.000 89.28290  ? 10  DC A C4    1 
ATOM   204 N  N4    . DC A 1 10 ? 0.88012   6.07250   0.26949   1.000 85.98704  ? 10  DC A N4    1 
ATOM   205 C  C5    . DC A 1 10 ? 1.81443   8.18318   -0.36023  1.000 87.55233  ? 10  DC A C5    1 
ATOM   206 C  C6    . DC A 1 10 ? 1.78338   9.20705   -1.21964  1.000 90.71860  ? 10  DC A C6    1 
ATOM   207 P  P     . DG A 1 11 ? -0.33229  14.32063  -0.56522  1.000 95.13821  ? 11  DG A P     1 
ATOM   208 O  OP1   . DG A 1 11 ? -1.25227  15.36666  -1.07810  1.000 92.30694  ? 11  DG A OP1   1 
ATOM   209 O  OP2   . DG A 1 11 ? 0.65061   14.61761  0.51147   1.000 77.81547  ? 11  DG A OP2   1 
ATOM   210 O  "O5'" . DG A 1 11 ? -1.21014  13.05768  -0.09028  1.000 98.49535  ? 11  DG A "O5'" 1 
ATOM   211 C  "C5'" . DG A 1 11 ? -2.50246  13.24291  0.52052   1.000 92.82740  ? 11  DG A "C5'" 1 
ATOM   212 C  "C4'" . DG A 1 11 ? -3.59744  12.74037  -0.40327  1.000 93.80014  ? 11  DG A "C4'" 1 
ATOM   213 O  "O4'" . DG A 1 11 ? -3.05473  11.69584  -1.25194  1.000 95.39426  ? 11  DG A "O4'" 1 
ATOM   214 C  "C3'" . DG A 1 11 ? -4.81176  12.12980  0.29615   1.000 93.06511  ? 11  DG A "C3'" 1 
ATOM   215 O  "O3'" . DG A 1 11 ? -5.86039  13.08480  0.37794   1.000 96.99413  ? 11  DG A "O3'" 1 
ATOM   216 C  "C2'" . DG A 1 11 ? -5.19546  10.97914  -0.62719  1.000 90.99494  ? 11  DG A "C2'" 1 
ATOM   217 C  "C1'" . DG A 1 11 ? -3.84042  10.52758  -1.13537  1.000 94.11421  ? 11  DG A "C1'" 1 
ATOM   218 N  N9    . DG A 1 11 ? -3.15282  9.55218   -0.26212  1.000 94.08600  ? 11  DG A N9    1 
ATOM   219 C  C8    . DG A 1 11 ? -2.21046  9.80269   0.72073   1.000 91.91061  ? 11  DG A C8    1 
ATOM   220 N  N7    . DG A 1 11 ? -1.76758  8.71803   1.30724   1.000 84.15317  ? 11  DG A N7    1 
ATOM   221 C  C5    . DG A 1 11 ? -2.45810  7.68822   0.67770   1.000 84.46163  ? 11  DG A C5    1 
ATOM   222 C  C6    . DG A 1 11 ? -2.40294  6.28940   0.88429   1.000 81.93110  ? 11  DG A C6    1 
ATOM   223 O  O6    . DG A 1 11 ? -1.71688  5.66052   1.69718   1.000 82.00590  ? 11  DG A O6    1 
ATOM   224 N  N1    . DG A 1 11 ? -3.26421  5.60993   0.02950   1.000 80.66545  ? 11  DG A N1    1 
ATOM   225 C  C2    . DG A 1 11 ? -4.07613  6.21071   -0.90630  1.000 82.79673  ? 11  DG A C2    1 
ATOM   226 N  N2    . DG A 1 11 ? -4.84264  5.40153   -1.64185  1.000 83.79700  ? 11  DG A N2    1 
ATOM   227 N  N3    . DG A 1 11 ? -4.13771  7.51158   -1.10870  1.000 84.59713  ? 11  DG A N3    1 
ATOM   228 C  C4    . DG A 1 11 ? -3.30827  8.18706   -0.28785  1.000 87.31318  ? 11  DG A C4    1 
ATOM   229 P  P     . DC A 1 12 ? -6.40944  13.56266  1.81215   1.000 102.44094 ? 12  DC A P     1 
ATOM   230 O  OP1   . DC A 1 12 ? -7.71834  14.21887  1.57816   1.000 97.01357  ? 12  DC A OP1   1 
ATOM   231 O  OP2   . DC A 1 12 ? -5.29917  14.27139  2.50103   1.000 93.14401  ? 12  DC A OP2   1 
ATOM   232 O  "O5'" . DC A 1 12 ? -6.67026  12.19386  2.61153   1.000 100.46051 ? 12  DC A "O5'" 1 
ATOM   233 C  "C5'" . DC A 1 12 ? -7.99565  11.82072  3.00741   1.000 89.55110  ? 12  DC A "C5'" 1 
ATOM   234 C  "C4'" . DC A 1 12 ? -8.63719  10.90908  1.97367   1.000 89.99891  ? 12  DC A "C4'" 1 
ATOM   235 O  "O4'" . DC A 1 12 ? -7.62311  10.40930  1.06533   1.000 90.58433  ? 12  DC A "O4'" 1 
ATOM   236 C  "C3'" . DC A 1 12 ? -9.28645  9.66148   2.54352   1.000 88.99244  ? 12  DC A "C3'" 1 
ATOM   237 O  "O3'" . DC A 1 12 ? -10.62166 9.92083   2.89712   1.000 88.50529  ? 12  DC A "O3'" 1 
ATOM   238 C  "C2'" . DC A 1 12 ? -9.18871  8.69453   1.37667   1.000 86.40592  ? 12  DC A "C2'" 1 
ATOM   239 C  "C1'" . DC A 1 12 ? -7.78916  9.01246   0.88467   1.000 86.28309  ? 12  DC A "C1'" 1 
ATOM   240 N  N1    . DC A 1 12 ? -6.71288  8.28794   1.64511   1.000 85.47296  ? 12  DC A N1    1 
ATOM   241 C  C2    . DC A 1 12 ? -6.57034  6.90786   1.47945   1.000 84.70557  ? 12  DC A C2    1 
ATOM   242 O  O2    . DC A 1 12 ? -7.33991  6.31151   0.70736   1.000 84.96162  ? 12  DC A O2    1 
ATOM   243 N  N3    . DC A 1 12 ? -5.59084  6.25812   2.16726   1.000 80.77055  ? 12  DC A N3    1 
ATOM   244 C  C4    . DC A 1 12 ? -4.78760  6.93527   2.98732   1.000 81.54702  ? 12  DC A C4    1 
ATOM   245 N  N4    . DC A 1 12 ? -3.84221  6.25085   3.64227   1.000 81.21379  ? 12  DC A N4    1 
ATOM   246 C  C5    . DC A 1 12 ? -4.91465  8.34463   3.16878   1.000 83.04638  ? 12  DC A C5    1 
ATOM   247 C  C6    . DC A 1 12 ? -5.87823  8.97327   2.48530   1.000 86.81410  ? 12  DC A C6    1 
ATOM   248 P  P     . DC A 1 13 ? -11.14050 9.45958   4.34356   1.000 92.23238  ? 13  DC A P     1 
ATOM   249 O  OP1   . DC A 1 13 ? -12.33897 10.24929  4.69633   1.000 90.71921  ? 13  DC A OP1   1 
ATOM   250 O  OP2   . DC A 1 13 ? -9.96164  9.49810   5.24380   1.000 89.60196  ? 13  DC A OP2   1 
ATOM   251 O  "O5'" . DC A 1 13 ? -11.55436 7.92928   4.11880   1.000 83.60095  ? 13  DC A "O5'" 1 
ATOM   252 C  "C5'" . DC A 1 13 ? -12.19427 7.54053   2.91604   1.000 77.91008  ? 13  DC A "C5'" 1 
ATOM   253 C  "C4'" . DC A 1 13 ? -12.10343 6.04205   2.72502   1.000 76.12839  ? 13  DC A "C4'" 1 
ATOM   254 O  "O4'" . DC A 1 13 ? -10.78817 5.68821   2.24728   1.000 79.87183  ? 13  DC A "O4'" 1 
ATOM   255 C  "C3'" . DC A 1 13 ? -12.26462 5.21342   3.98470   1.000 72.37623  ? 13  DC A "C3'" 1 
ATOM   256 O  "O3'" . DC A 1 13 ? -13.63261 5.06950   4.29345   1.000 69.43227  ? 13  DC A "O3'" 1 
ATOM   257 C  "C2'" . DC A 1 13 ? -11.65728 3.89663   3.52592   1.000 73.62224  ? 13  DC A "C2'" 1 
ATOM   258 C  "C1'" . DC A 1 13 ? -10.46871 4.38114   2.70325   1.000 74.39575  ? 13  DC A "C1'" 1 
ATOM   259 N  N1    . DC A 1 13 ? -9.22429  4.43956   3.48769   1.000 72.59258  ? 13  DC A N1    1 
ATOM   260 C  C2    . DC A 1 13 ? -8.57306  3.24816   3.81636   1.000 72.93898  ? 13  DC A C2    1 
ATOM   261 O  O2    . DC A 1 13 ? -9.05835  2.17318   3.43053   1.000 70.90736  ? 13  DC A O2    1 
ATOM   262 N  N3    . DC A 1 13 ? -7.42265  3.30319   4.54534   1.000 73.52602  ? 13  DC A N3    1 
ATOM   263 C  C4    . DC A 1 13 ? -6.93868  4.48539   4.93724   1.000 73.77598  ? 13  DC A C4    1 
ATOM   264 N  N4    . DC A 1 13 ? -5.80573  4.49354   5.65197   1.000 71.93173  ? 13  DC A N4    1 
ATOM   265 C  C5    . DC A 1 13 ? -7.59765  5.71332   4.61067   1.000 76.67890  ? 13  DC A C5    1 
ATOM   266 C  C6    . DC A 1 13 ? -8.72652  5.64351   3.89367   1.000 75.41667  ? 13  DC A C6    1 
ATOM   267 P  P     . DC A 1 14 ? -14.11342 4.49220   5.71545   1.000 71.89861  ? 14  DC A P     1 
ATOM   268 O  OP1   . DC A 1 14 ? -15.56486 4.29269   5.52026   1.000 63.70455  ? 14  DC A OP1   1 
ATOM   269 O  OP2   . DC A 1 14 ? -13.59192 5.32484   6.83049   1.000 66.40626  ? 14  DC A OP2   1 
ATOM   270 O  "O5'" . DC A 1 14 ? -13.42525 3.04573   5.83280   1.000 71.02053  ? 14  DC A "O5'" 1 
ATOM   271 C  "C5'" . DC A 1 14 ? -14.01626 1.91710   5.19688   1.000 64.33455  ? 14  DC A "C5'" 1 
ATOM   272 C  "C4'" . DC A 1 14 ? -13.35660 0.62380   5.64275   1.000 61.56949  ? 14  DC A "C4'" 1 
ATOM   273 O  "O4'" . DC A 1 14 ? -11.97010 0.59786   5.22311   1.000 61.86824  ? 14  DC A "O4'" 1 
ATOM   274 C  "C3'" . DC A 1 14 ? -13.28429 0.40590   7.14096   1.000 60.00958  ? 14  DC A "C3'" 1 
ATOM   275 O  "O3'" . DC A 1 14 ? -14.50835 -0.07730  7.62867   1.000 60.48080  ? 14  DC A "O3'" 1 
ATOM   276 C  "C2'" . DC A 1 14 ? -12.20810 -0.66105  7.21195   1.000 60.75347  ? 14  DC A "C2'" 1 
ATOM   277 C  "C1'" . DC A 1 14 ? -11.21435 -0.14644  6.17356   1.000 62.33420  ? 14  DC A "C1'" 1 
ATOM   278 N  N1    . DC A 1 14 ? -10.19857 0.73825   6.77165   1.000 62.95393  ? 14  DC A N1    1 
ATOM   279 C  C2    . DC A 1 14 ? -9.25297  0.20269   7.65131   1.000 62.01696  ? 14  DC A C2    1 
ATOM   280 O  O2    . DC A 1 14 ? -9.27017  -1.01774  7.88985   1.000 59.40172  ? 14  DC A O2    1 
ATOM   281 N  N3    . DC A 1 14 ? -8.33579  1.03546   8.21093   1.000 61.99265  ? 14  DC A N3    1 
ATOM   282 C  C4    . DC A 1 14 ? -8.35279  2.33916   7.91779   1.000 62.23667  ? 14  DC A C4    1 
ATOM   283 N  N4    . DC A 1 14 ? -7.43093  3.12525   8.48753   1.000 63.18679  ? 14  DC A N4    1 
ATOM   284 C  C5    . DC A 1 14 ? -9.31614  2.89621   7.03315   1.000 63.71356  ? 14  DC A C5    1 
ATOM   285 C  C6    . DC A 1 14 ? -10.21213 2.07058   6.49035   1.000 64.54956  ? 14  DC A C6    1 
ATOM   286 P  P     . DC A 1 15 ? -15.00022 0.33146   9.09763   1.000 68.08786  ? 15  DC A P     1 
ATOM   287 O  OP1   . DC A 1 15 ? -16.41765 -0.08815  9.23572   1.000 67.16318  ? 15  DC A OP1   1 
ATOM   288 O  OP2   . DC A 1 15 ? -14.57563 1.74053   9.31023   1.000 63.80990  ? 15  DC A OP2   1 
ATOM   289 O  "O5'" . DC A 1 15 ? -14.11428 -0.55127  10.07885  1.000 54.14201  ? 15  DC A "O5'" 1 
ATOM   290 C  "C5'" . DC A 1 15 ? -14.04592 -1.93400  9.91916   1.000 54.32008  ? 15  DC A "C5'" 1 
ATOM   291 C  "C4'" . DC A 1 15 ? -12.86084 -2.44357  10.68935  1.000 57.27392  ? 15  DC A "C4'" 1 
ATOM   292 O  "O4'" . DC A 1 15 ? -11.65599 -1.85622  10.15206  1.000 54.95588  ? 15  DC A "O4'" 1 
ATOM   293 C  "C3'" . DC A 1 15 ? -12.84666 -2.00802  12.13075  1.000 54.34077  ? 15  DC A "C3'" 1 
ATOM   294 O  "O3'" . DC A 1 15 ? -13.67278 -2.86219  12.89287  1.000 52.56889  ? 15  DC A "O3'" 1 
ATOM   295 C  "C2'" . DC A 1 15 ? -11.36713 -2.16018  12.48089  1.000 48.25567  ? 15  DC A "C2'" 1 
ATOM   296 C  "C1'" . DC A 1 15 ? -10.70202 -1.70676  11.19162  1.000 51.35232  ? 15  DC A "C1'" 1 
ATOM   297 N  N1    . DC A 1 15 ? -10.22084 -0.28427  11.22079  1.000 55.83731  ? 15  DC A N1    1 
ATOM   298 C  C2    . DC A 1 15 ? -9.02692  0.03046   11.89115  1.000 56.05667  ? 15  DC A C2    1 
ATOM   299 O  O2    . DC A 1 15 ? -8.39794  -0.86311  12.45464  1.000 57.48272  ? 15  DC A O2    1 
ATOM   300 N  N3    . DC A 1 15 ? -8.59350  1.30473   11.90317  1.000 56.22129  ? 15  DC A N3    1 
ATOM   301 C  C4    . DC A 1 15 ? -9.28722  2.24748   11.28177  1.000 58.36566  ? 15  DC A C4    1 
ATOM   302 N  N4    . DC A 1 15 ? -8.80815  3.49599   11.32694  1.000 61.81089  ? 15  DC A N4    1 
ATOM   303 C  C5    . DC A 1 15 ? -10.49887 1.95605   10.58465  1.000 56.48307  ? 15  DC A C5    1 
ATOM   304 C  C6    . DC A 1 15 ? -10.92458 0.68653   10.57758  1.000 55.96774  ? 15  DC A C6    1 
ATOM   305 P  P     . DA A 1 16 ? -14.01581 -2.47941  14.40875  1.000 54.13980  ? 16  DA A P     1 
ATOM   306 O  OP1   . DA A 1 16 ? -14.65219 -3.67094  15.01699  1.000 43.91909  ? 16  DA A OP1   1 
ATOM   307 O  OP2   . DA A 1 16 ? -14.66371 -1.15477  14.38050  1.000 54.23464  ? 16  DA A OP2   1 
ATOM   308 O  "O5'" . DA A 1 16 ? -12.58848 -2.19555  15.05724  1.000 47.17423  ? 16  DA A "O5'" 1 
ATOM   309 C  "C5'" . DA A 1 16 ? -12.43820 -1.98495  16.40392  1.000 43.03806  ? 16  DA A "C5'" 1 
ATOM   310 C  "C4'" . DA A 1 16 ? -10.97279 -1.84961  16.67974  1.000 48.10516  ? 16  DA A "C4'" 1 
ATOM   311 O  "O4'" . DA A 1 16 ? -10.34635 -1.19006  15.56852  1.000 48.57524  ? 16  DA A "O4'" 1 
ATOM   312 C  "C3'" . DA A 1 16 ? -10.63186 -0.97702  17.84519  1.000 54.37023  ? 16  DA A "C3'" 1 
ATOM   313 O  "O3'" . DA A 1 16 ? -10.73555 -1.71363  19.01018  1.000 57.51237  ? 16  DA A "O3'" 1 
ATOM   314 C  "C2'" . DA A 1 16 ? -9.18491  -0.58414  17.55282  1.000 50.35283  ? 16  DA A "C2'" 1 
ATOM   315 C  "C1'" . DA A 1 16 ? -9.16447  -0.55395  16.02549  1.000 48.94385  ? 16  DA A "C1'" 1 
ATOM   316 N  N9    . DA A 1 16 ? -9.09597  0.78941   15.45665  1.000 52.67021  ? 16  DA A N9    1 
ATOM   317 C  C8    . DA A 1 16 ? -10.03491 1.41289   14.67929  1.000 52.34701  ? 16  DA A C8    1 
ATOM   318 N  N7    . DA A 1 16 ? -9.68939  2.62271   14.29803  1.000 53.22867  ? 16  DA A N7    1 
ATOM   319 C  C5    . DA A 1 16 ? -8.43354  2.80117   14.85479  1.000 54.54367  ? 16  DA A C5    1 
ATOM   320 C  C6    . DA A 1 16 ? -7.51637  3.87115   14.81550  1.000 54.12971  ? 16  DA A C6    1 
ATOM   321 N  N6    . DA A 1 16 ? -7.74089  5.01292   14.16276  1.000 54.92104  ? 16  DA A N6    1 
ATOM   322 N  N1    . DA A 1 16 ? -6.35032  3.71959   15.47705  1.000 53.09174  ? 16  DA A N1    1 
ATOM   323 C  C2    . DA A 1 16 ? -6.12197  2.57639   16.13204  1.000 50.89547  ? 16  DA A C2    1 
ATOM   324 N  N3    . DA A 1 16 ? -6.89742  1.50135   16.23654  1.000 54.21110  ? 16  DA A N3    1 
ATOM   325 C  C4    . DA A 1 16 ? -8.05190  1.67993   15.57052  1.000 54.79444  ? 16  DA A C4    1 
ATOM   326 P  P     . DC A 1 17 ? -11.20883 -0.96246  20.33280  1.000 63.13051  ? 17  DC A P     1 
ATOM   327 O  OP1   . DC A 1 17 ? -11.46809 -1.98075  21.37054  1.000 58.71867  ? 17  DC A OP1   1 
ATOM   328 O  OP2   . DC A 1 17 ? -12.21464 0.05783   19.89228  1.000 45.27436  ? 17  DC A OP2   1 
ATOM   329 O  "O5'" . DC A 1 17 ? -9.88603  -0.24654  20.80317  1.000 54.91976  ? 17  DC A "O5'" 1 
ATOM   330 C  "C5'" . DC A 1 17 ? -8.83760  -1.01771  21.23883  1.000 51.19347  ? 17  DC A "C5'" 1 
ATOM   331 C  "C4'" . DC A 1 17 ? -7.63246  -0.14995  21.34446  1.000 57.96388  ? 17  DC A "C4'" 1 
ATOM   332 O  "O4'" . DC A 1 17 ? -7.42301  0.46386   20.07108  1.000 57.58033  ? 17  DC A "O4'" 1 
ATOM   333 C  "C3'" . DC A 1 17 ? -7.81211  1.03556   22.25839  1.000 59.43690  ? 17  DC A "C3'" 1 
ATOM   334 O  "O3'" . DC A 1 17 ? -7.57054  0.66768   23.58851  1.000 66.19922  ? 17  DC A "O3'" 1 
ATOM   335 C  "C2'" . DC A 1 17 ? -6.73272  1.96982   21.75459  1.000 59.65303  ? 17  DC A "C2'" 1 
ATOM   336 C  "C1'" . DC A 1 17 ? -6.73546  1.68057   20.26742  1.000 57.18077  ? 17  DC A "C1'" 1 
ATOM   337 N  N1    . DC A 1 17 ? -7.40088  2.69705   19.50292  1.000 53.56019  ? 17  DC A N1    1 
ATOM   338 C  C2    . DC A 1 17 ? -6.73445  3.89402   19.24656  1.000 54.08331  ? 17  DC A C2    1 
ATOM   339 O  O2    . DC A 1 17 ? -5.58637  4.05917   19.69729  1.000 55.07225  ? 17  DC A O2    1 
ATOM   340 N  N3    . DC A 1 17 ? -7.35563  4.83617   18.51404  1.000 52.26521  ? 17  DC A N3    1 
ATOM   341 C  C4    . DC A 1 17 ? -8.57330  4.60609   18.03658  1.000 51.88811  ? 17  DC A C4    1 
ATOM   342 N  N4    . DC A 1 17 ? -9.14177  5.56647   17.30994  1.000 53.83497  ? 17  DC A N4    1 
ATOM   343 C  C5    . DC A 1 17 ? -9.26943  3.38686   18.29119  1.000 52.90322  ? 17  DC A C5    1 
ATOM   344 C  C6    . DC A 1 17 ? -8.64898  2.46821   19.02698  1.000 51.66931  ? 17  DC A C6    1 
ATOM   345 P  P     . DC A 1 18 ? -8.13505  1.59846   24.76536  1.000 69.26654  ? 18  DC A P     1 
ATOM   346 O  OP1   . DC A 1 18 ? -7.86299  0.91716   26.06390  1.000 67.63178  ? 18  DC A OP1   1 
ATOM   347 O  OP2   . DC A 1 18 ? -9.49361  2.02855   24.31069  1.000 55.07739  ? 18  DC A OP2   1 
ATOM   348 O  "O5'" . DC A 1 18 ? -7.16148  2.85339   24.76158  1.000 63.78892  ? 18  DC A "O5'" 1 
ATOM   349 C  "C5'" . DC A 1 18 ? -5.76330  2.66258   24.95585  1.000 63.36796  ? 18  DC A "C5'" 1 
ATOM   350 C  "C4'" . DC A 1 18 ? -5.06031  3.99240   24.85734  1.000 63.80803  ? 18  DC A "C4'" 1 
ATOM   351 O  "O4'" . DC A 1 18 ? -5.36857  4.62303   23.57505  1.000 62.44715  ? 18  DC A "O4'" 1 
ATOM   352 C  "C3'" . DC A 1 18 ? -5.49995  4.99222   25.92124  1.000 66.47257  ? 18  DC A "C3'" 1 
ATOM   353 O  "O3'" . DC A 1 18 ? -4.37064  5.73633   26.36112  1.000 79.50253  ? 18  DC A "O3'" 1 
ATOM   354 C  "C2'" . DC A 1 18 ? -6.50894  5.86867   25.17951  1.000 59.11829  ? 18  DC A "C2'" 1 
ATOM   355 C  "C1'" . DC A 1 18 ? -5.87354  5.92466   23.80311  1.000 55.88797  ? 18  DC A "C1'" 1 
ATOM   356 N  N1    . DC A 1 18 ? -6.82549  6.26227   22.73838  1.000 52.32248  ? 18  DC A N1    1 
ATOM   357 C  C2    . DC A 1 18 ? -6.62317  7.40549   21.94833  1.000 55.15239  ? 18  DC A C2    1 
ATOM   358 O  O2    . DC A 1 18 ? -5.63899  8.11432   22.14529  1.000 56.07240  ? 18  DC A O2    1 
ATOM   359 N  N3    . DC A 1 18 ? -7.51417  7.70094   20.98579  1.000 54.33431  ? 18  DC A N3    1 
ATOM   360 C  C4    . DC A 1 18 ? -8.56653  6.91683   20.80270  1.000 53.09644  ? 18  DC A C4    1 
ATOM   361 N  N4    . DC A 1 18 ? -9.42415  7.24686   19.84005  1.000 53.13050  ? 18  DC A N4    1 
ATOM   362 C  C5    . DC A 1 18 ? -8.79013  5.75970   21.59585  1.000 53.85372  ? 18  DC A C5    1 
ATOM   363 C  C6    . DC A 1 18 ? -7.90328  5.47531   22.54525  1.000 53.29169  ? 18  DC A C6    1 
HETATM 364 SR SR    . SR B 2 .  ? 4.03218   -3.61243  -5.22076  1.000 129.38122 ? 101 SR A SR    1 
# 
